data_4BPX
#
_entry.id   4BPX
#
_cell.length_a   120.680
_cell.length_b   70.701
_cell.length_c   127.160
_cell.angle_alpha   90.00
_cell.angle_beta   105.83
_cell.angle_gamma   90.00
#
_symmetry.space_group_name_H-M   'P 1 21 1'
#
loop_
_entity.id
_entity.type
_entity.pdbx_description
1 polymer 'DNA PRIMASE SMALL SUBUNIT'
2 polymer 'DNA POLYMERASE ALPHA CATALYTIC SUBUNIT, DNA PRIMASE LARGE SUBUNIT'
3 non-polymer 'ZINC ION'
#
loop_
_entity_poly.entity_id
_entity_poly.type
_entity_poly.pdbx_seq_one_letter_code
_entity_poly.pdbx_strand_id
1 'polypeptide(L)'
;GTSMETFDPTELPELLKLYYRRLFPYSQYYRWLNYGGVIKNYFQHREFSFTLKDDIYIRYQSFNNQSDLEKEMQAANPYK
IDIGAVYSHRPNQHNTVKLGAFQAQEKELVFDIDMTDYDDVRRCCSSADICPKCWTLMTMAIRIIDRALKEDFGFKHRLW
VYSGRRGVHCWVCDESVRKLSSAVRSGIVEYLSLVKGGQDVKKKVHLSEKIHPFIRKSINIIKKYFEEYALVNQDILENK
ESWDKILALVPETIHDELQQSFQKSHNSLQRWEHLKKVASRYQNNIKNDKYGPWLEWEIMLQYCFPRLDINVSKGINHLL
KSPFSVHPKTGRISVPIDLQKVDQFDPFTVPTISFICRELDAISTNEEEKEENEAESDVKHRTRDYKKTSLAPYVKVFEH
FLENLDKSRKGELLKKSDLQKDF
;
A,C
2 'polypeptide(L)'
;MGYSEVNLSKLFAGCAVKSTGSTGSTGSTGSTGSNASYPHCLQFYLQPPSENISLIEFENLAIDRVKLLKSVENLGVSYV
KGTEQYQSKLESELRKLKFSYRENLEDEYEPRRRDHISHFILRLAYCQSEELRRWFIQQEMDLLRFRFSILPKDKIQDFL
KDSQLQFEAISDEEKTLREQEIVASSPSLSGLKLGFESIYKIPFADALDLFRGRKVYLEDGFAYVPLKDIVAIILNEFRA
KLSKALALTARSLPAVQSDERLQPLLNHL
;
B,D
#
loop_
_chem_comp.id
_chem_comp.type
_chem_comp.name
_chem_comp.formula
ZN non-polymer 'ZINC ION' 'Zn 2'
#
# COMPACT_ATOMS: atom_id res chain seq x y z
N THR A 6 12.97 -33.05 47.30
CA THR A 6 13.06 -32.50 45.95
C THR A 6 12.26 -33.36 44.98
N PHE A 7 12.75 -33.51 43.74
CA PHE A 7 12.01 -34.23 42.72
C PHE A 7 12.91 -34.68 41.58
N ASP A 8 12.68 -35.90 41.08
CA ASP A 8 13.44 -36.46 39.97
C ASP A 8 12.54 -36.66 38.75
N PRO A 9 12.80 -35.92 37.65
CA PRO A 9 11.95 -36.04 36.46
C PRO A 9 12.06 -37.37 35.72
N THR A 10 12.86 -38.32 36.23
CA THR A 10 13.05 -39.59 35.55
C THR A 10 11.96 -40.58 35.91
N GLU A 11 11.34 -40.35 37.07
CA GLU A 11 10.19 -41.16 37.50
C GLU A 11 8.93 -40.75 36.74
N LEU A 12 9.08 -39.69 35.93
CA LEU A 12 7.94 -39.03 35.31
C LEU A 12 7.08 -39.90 34.41
N PRO A 13 7.68 -40.59 33.42
CA PRO A 13 6.85 -41.30 32.43
C PRO A 13 5.96 -42.36 33.06
N GLU A 14 6.39 -42.86 34.22
CA GLU A 14 5.63 -43.84 34.98
C GLU A 14 4.55 -43.11 35.79
N LEU A 15 4.95 -42.02 36.43
CA LEU A 15 4.06 -41.22 37.25
C LEU A 15 2.88 -40.70 36.43
N LEU A 16 3.15 -40.32 35.19
CA LEU A 16 2.13 -39.78 34.30
C LEU A 16 1.03 -40.81 34.03
N LYS A 17 1.46 -42.02 33.69
CA LYS A 17 0.55 -43.12 33.44
C LYS A 17 -0.44 -43.24 34.60
N LEU A 18 0.12 -43.29 35.80
CA LEU A 18 -0.68 -43.44 37.02
C LEU A 18 -1.57 -42.24 37.26
N TYR A 19 -0.97 -41.06 37.14
CA TYR A 19 -1.66 -39.80 37.37
C TYR A 19 -2.85 -39.65 36.44
N TYR A 20 -2.61 -39.92 35.16
CA TYR A 20 -3.62 -39.75 34.14
C TYR A 20 -4.75 -40.76 34.27
N ARG A 21 -4.52 -41.85 34.98
CA ARG A 21 -5.50 -42.92 35.02
C ARG A 21 -6.42 -42.87 36.25
N ARG A 22 -5.87 -42.40 37.38
CA ARG A 22 -6.59 -42.49 38.65
C ARG A 22 -6.57 -41.21 39.48
N LEU A 23 -6.00 -40.14 38.94
CA LEU A 23 -5.86 -38.87 39.68
C LEU A 23 -6.35 -37.67 38.89
N PHE A 24 -6.11 -37.67 37.59
CA PHE A 24 -6.56 -36.56 36.76
C PHE A 24 -8.08 -36.46 36.85
N PRO A 25 -8.61 -35.33 37.33
CA PRO A 25 -10.06 -35.19 37.52
C PRO A 25 -10.81 -34.94 36.21
N TYR A 26 -10.94 -35.98 35.40
CA TYR A 26 -11.67 -35.91 34.14
C TYR A 26 -13.11 -35.48 34.36
N SER A 27 -13.68 -35.91 35.49
CA SER A 27 -15.07 -35.65 35.82
C SER A 27 -15.36 -34.15 35.82
N GLN A 28 -14.62 -33.41 36.64
CA GLN A 28 -14.79 -31.96 36.75
C GLN A 28 -14.30 -31.27 35.49
N TYR A 29 -13.32 -31.89 34.85
CA TYR A 29 -12.71 -31.34 33.64
C TYR A 29 -13.74 -31.24 32.52
N TYR A 30 -14.54 -32.30 32.36
CA TYR A 30 -15.54 -32.34 31.31
C TYR A 30 -16.68 -31.37 31.60
N ARG A 31 -17.04 -31.26 32.89
CA ARG A 31 -18.09 -30.35 33.33
C ARG A 31 -17.81 -28.94 32.85
N TRP A 32 -16.53 -28.59 32.92
CA TRP A 32 -16.09 -27.27 32.52
C TRP A 32 -16.28 -27.09 31.03
N LEU A 33 -15.43 -27.76 30.25
CA LEU A 33 -15.28 -27.47 28.83
C LEU A 33 -16.54 -27.78 28.04
N ASN A 34 -17.45 -28.54 28.64
CA ASN A 34 -18.73 -28.82 28.01
C ASN A 34 -19.75 -27.74 28.38
N TYR A 35 -19.51 -27.09 29.52
CA TYR A 35 -20.34 -25.97 29.99
C TYR A 35 -21.82 -26.32 30.07
N GLY A 36 -22.14 -27.39 30.80
CA GLY A 36 -23.50 -27.80 31.04
C GLY A 36 -24.25 -28.28 29.80
N GLY A 37 -23.52 -28.51 28.72
CA GLY A 37 -24.10 -29.06 27.51
C GLY A 37 -25.20 -28.21 26.91
N VAL A 38 -25.33 -26.98 27.39
CA VAL A 38 -26.36 -26.05 26.93
C VAL A 38 -26.27 -25.85 25.42
N ILE A 39 -25.04 -25.87 24.91
CA ILE A 39 -24.78 -25.71 23.49
C ILE A 39 -24.13 -26.98 22.95
N LYS A 40 -24.56 -27.36 21.75
CA LYS A 40 -24.16 -28.62 21.14
C LYS A 40 -22.80 -28.50 20.45
N ASN A 41 -22.05 -29.59 20.45
CA ASN A 41 -20.76 -29.67 19.78
C ASN A 41 -19.71 -28.72 20.35
N TYR A 42 -19.94 -28.19 21.55
CA TYR A 42 -19.02 -27.25 22.16
C TYR A 42 -17.73 -27.92 22.60
N PHE A 43 -17.85 -28.97 23.42
CA PHE A 43 -16.68 -29.73 23.84
C PHE A 43 -16.09 -30.45 22.64
N GLN A 44 -16.94 -30.80 21.69
CA GLN A 44 -16.54 -31.63 20.56
C GLN A 44 -15.68 -30.85 19.57
N HIS A 45 -15.86 -29.53 19.53
CA HIS A 45 -15.12 -28.68 18.60
C HIS A 45 -13.89 -28.05 19.26
N ARG A 46 -13.70 -28.32 20.55
CA ARG A 46 -12.56 -27.77 21.27
C ARG A 46 -11.25 -28.40 20.82
N GLU A 47 -10.23 -27.56 20.71
CA GLU A 47 -8.88 -28.00 20.38
C GLU A 47 -8.10 -28.31 21.65
N PHE A 48 -7.19 -29.27 21.53
CA PHE A 48 -6.20 -29.55 22.57
C PHE A 48 -4.86 -29.74 21.87
N SER A 49 -3.79 -29.77 22.63
CA SER A 49 -2.49 -30.10 22.08
C SER A 49 -1.68 -30.88 23.12
N PHE A 50 -0.97 -31.89 22.64
CA PHE A 50 -0.20 -32.77 23.50
C PHE A 50 1.27 -32.63 23.21
N THR A 51 2.08 -32.79 24.26
CA THR A 51 3.51 -32.92 24.11
C THR A 51 3.93 -34.24 24.73
N LEU A 52 4.46 -35.12 23.90
CA LEU A 52 4.87 -36.46 24.34
C LEU A 52 6.36 -36.46 24.62
N LYS A 53 6.95 -37.65 24.70
CA LYS A 53 8.39 -37.77 24.91
C LYS A 53 9.15 -37.22 23.70
N ASP A 54 10.37 -36.75 23.94
CA ASP A 54 11.22 -36.20 22.88
C ASP A 54 10.61 -34.97 22.22
N ASP A 55 9.83 -34.22 22.98
CA ASP A 55 9.29 -32.93 22.54
C ASP A 55 8.51 -33.06 21.23
N ILE A 56 7.77 -34.16 21.07
CA ILE A 56 6.91 -34.32 19.90
C ILE A 56 5.58 -33.62 20.14
N TYR A 57 5.28 -32.65 19.28
CA TYR A 57 4.11 -31.80 19.47
C TYR A 57 2.99 -32.13 18.48
N ILE A 58 1.77 -32.17 18.99
CA ILE A 58 0.59 -32.27 18.14
C ILE A 58 -0.55 -31.44 18.72
N ARG A 59 -1.35 -30.88 17.82
CA ARG A 59 -2.52 -30.10 18.20
C ARG A 59 -3.70 -30.51 17.32
N TYR A 60 -4.76 -29.72 17.34
CA TYR A 60 -5.98 -30.06 16.61
C TYR A 60 -6.54 -31.38 17.11
N GLN A 61 -6.35 -31.63 18.41
CA GLN A 61 -6.88 -32.83 19.04
C GLN A 61 -8.27 -32.49 19.58
N SER A 62 -9.25 -33.32 19.23
CA SER A 62 -10.60 -33.12 19.73
C SER A 62 -11.20 -34.48 20.08
N PHE A 63 -12.33 -34.45 20.77
CA PHE A 63 -12.90 -35.68 21.31
C PHE A 63 -14.42 -35.65 21.28
N ASN A 64 -15.02 -36.84 21.27
CA ASN A 64 -16.45 -36.98 21.17
C ASN A 64 -17.12 -36.77 22.52
N ASN A 65 -16.46 -37.24 23.57
CA ASN A 65 -16.99 -37.11 24.92
C ASN A 65 -15.92 -37.35 25.98
N GLN A 66 -16.35 -37.36 27.24
CA GLN A 66 -15.43 -37.54 28.36
C GLN A 66 -14.63 -38.82 28.23
N SER A 67 -15.31 -39.92 27.92
CA SER A 67 -14.67 -41.21 27.78
C SER A 67 -13.66 -41.18 26.64
N ASP A 68 -14.03 -40.56 25.53
CA ASP A 68 -13.15 -40.46 24.37
C ASP A 68 -11.88 -39.73 24.76
N LEU A 69 -12.02 -38.79 25.70
CA LEU A 69 -10.88 -38.04 26.21
C LEU A 69 -10.05 -38.90 27.16
N GLU A 70 -10.72 -39.50 28.15
CA GLU A 70 -10.05 -40.31 29.16
C GLU A 70 -9.15 -41.35 28.52
N LYS A 71 -9.59 -41.86 27.38
CA LYS A 71 -8.85 -42.88 26.64
C LYS A 71 -7.57 -42.30 26.05
N GLU A 72 -7.75 -41.36 25.12
CA GLU A 72 -6.65 -40.84 24.33
C GLU A 72 -5.60 -40.18 25.22
N MET A 73 -6.01 -39.67 26.37
CA MET A 73 -5.09 -39.04 27.30
C MET A 73 -4.21 -40.12 27.93
N GLN A 74 -4.84 -41.13 28.51
CA GLN A 74 -4.12 -42.27 29.08
C GLN A 74 -3.40 -43.06 27.99
N ALA A 75 -3.94 -43.00 26.78
CA ALA A 75 -3.34 -43.69 25.64
C ALA A 75 -2.02 -43.06 25.24
N ALA A 76 -2.04 -41.75 25.04
CA ALA A 76 -0.87 -41.01 24.56
C ALA A 76 0.09 -40.72 25.72
N ASN A 77 -0.48 -40.43 26.88
CA ASN A 77 0.30 -40.09 28.08
C ASN A 77 1.28 -38.96 27.79
N PRO A 78 0.74 -37.73 27.62
CA PRO A 78 1.52 -36.53 27.30
C PRO A 78 2.20 -35.91 28.51
N TYR A 79 3.31 -35.22 28.25
CA TYR A 79 4.04 -34.50 29.29
C TYR A 79 3.41 -33.14 29.51
N LYS A 80 2.93 -32.55 28.41
CA LYS A 80 2.25 -31.25 28.46
C LYS A 80 0.93 -31.25 27.71
N ILE A 81 -0.05 -30.56 28.29
CA ILE A 81 -1.38 -30.43 27.71
C ILE A 81 -1.78 -28.96 27.69
N ASP A 82 -2.06 -28.44 26.50
CA ASP A 82 -2.51 -27.06 26.33
C ASP A 82 -3.93 -27.07 25.80
N ILE A 83 -4.71 -26.05 26.17
CA ILE A 83 -6.08 -25.91 25.72
C ILE A 83 -6.19 -24.79 24.69
N GLY A 84 -6.88 -25.09 23.58
CA GLY A 84 -7.05 -24.16 22.49
C GLY A 84 -8.45 -23.61 22.47
N ALA A 85 -8.92 -23.26 21.27
CA ALA A 85 -10.22 -22.62 21.13
C ALA A 85 -11.29 -23.59 20.69
N VAL A 86 -12.53 -23.12 20.73
CA VAL A 86 -13.67 -23.85 20.21
C VAL A 86 -13.85 -23.41 18.77
N TYR A 87 -13.65 -24.32 17.83
CA TYR A 87 -13.70 -23.98 16.41
C TYR A 87 -15.08 -24.21 15.81
N SER A 88 -15.20 -23.90 14.52
CA SER A 88 -16.45 -24.05 13.79
C SER A 88 -16.75 -25.52 13.49
N HIS A 89 -15.71 -26.34 13.50
CA HIS A 89 -15.82 -27.77 13.21
C HIS A 89 -15.03 -28.58 14.22
N ARG A 90 -14.77 -29.84 13.89
CA ARG A 90 -13.94 -30.70 14.72
C ARG A 90 -12.47 -30.54 14.33
N PRO A 91 -11.62 -30.20 15.32
CA PRO A 91 -10.17 -30.08 15.08
C PRO A 91 -9.52 -31.30 14.41
N ASN A 92 -9.91 -32.51 14.81
CA ASN A 92 -9.31 -33.74 14.30
C ASN A 92 -9.82 -34.15 12.91
N GLN A 93 -10.67 -33.32 12.33
CA GLN A 93 -11.16 -33.52 10.96
C GLN A 93 -10.82 -32.32 10.08
N HIS A 94 -9.91 -31.47 10.56
CA HIS A 94 -9.63 -30.21 9.91
C HIS A 94 -9.11 -30.38 8.48
N ASN A 95 -8.59 -31.55 8.15
CA ASN A 95 -8.06 -31.83 6.81
C ASN A 95 -9.17 -31.99 5.79
N THR A 96 -10.41 -32.06 6.27
CA THR A 96 -11.57 -32.23 5.41
C THR A 96 -12.18 -30.86 5.12
N VAL A 97 -12.05 -29.95 6.08
CA VAL A 97 -12.62 -28.61 5.94
C VAL A 97 -11.79 -27.80 4.95
N LYS A 98 -12.46 -27.05 4.09
CA LYS A 98 -11.76 -26.25 3.09
C LYS A 98 -11.22 -24.99 3.73
N LEU A 99 -10.16 -24.46 3.12
CA LEU A 99 -9.49 -23.26 3.60
C LEU A 99 -10.45 -22.07 3.60
N GLY A 100 -10.62 -21.45 4.77
CA GLY A 100 -11.45 -20.27 4.89
C GLY A 100 -12.69 -20.49 5.74
N ALA A 101 -12.93 -21.75 6.08
CA ALA A 101 -14.10 -22.13 6.88
C ALA A 101 -13.67 -22.65 8.24
N PHE A 102 -12.37 -22.91 8.39
CA PHE A 102 -11.82 -23.39 9.64
C PHE A 102 -11.40 -22.22 10.51
N GLN A 103 -12.31 -21.83 11.41
CA GLN A 103 -12.11 -20.63 12.22
C GLN A 103 -12.33 -20.90 13.70
N ALA A 104 -11.45 -20.33 14.54
CA ALA A 104 -11.65 -20.34 15.98
C ALA A 104 -12.79 -19.37 16.28
N GLN A 105 -13.74 -19.79 17.10
CA GLN A 105 -14.95 -19.01 17.33
C GLN A 105 -15.07 -18.54 18.77
N GLU A 106 -14.62 -19.36 19.71
CA GLU A 106 -14.75 -19.02 21.12
C GLU A 106 -13.63 -19.61 21.95
N LYS A 107 -13.29 -18.89 23.02
CA LYS A 107 -12.29 -19.35 23.97
C LYS A 107 -12.36 -18.48 25.20
N GLU A 108 -12.02 -19.06 26.35
CA GLU A 108 -12.01 -18.33 27.59
C GLU A 108 -11.00 -17.20 27.47
N LEU A 109 -11.22 -16.10 28.19
CA LEU A 109 -10.25 -15.03 28.21
C LEU A 109 -9.15 -15.41 29.20
N VAL A 110 -7.90 -15.28 28.77
CA VAL A 110 -6.78 -15.80 29.54
C VAL A 110 -5.68 -14.77 29.78
N PHE A 111 -4.95 -14.97 30.88
CA PHE A 111 -3.79 -14.16 31.19
C PHE A 111 -2.68 -15.07 31.65
N ASP A 112 -1.47 -14.77 31.20
CA ASP A 112 -0.29 -15.51 31.59
C ASP A 112 0.67 -14.52 32.21
N ILE A 113 0.90 -14.68 33.50
CA ILE A 113 1.81 -13.80 34.24
C ILE A 113 3.08 -14.54 34.56
N ASP A 114 4.21 -13.90 34.26
CA ASP A 114 5.51 -14.53 34.41
C ASP A 114 6.41 -13.65 35.27
N MET A 115 7.05 -14.28 36.25
CA MET A 115 7.94 -13.61 37.18
C MET A 115 9.19 -13.12 36.46
N THR A 116 9.48 -13.75 35.33
CA THR A 116 10.66 -13.41 34.54
C THR A 116 10.55 -11.97 34.04
N ASP A 117 9.31 -11.49 33.94
CA ASP A 117 9.06 -10.16 33.39
C ASP A 117 9.33 -9.06 34.43
N TYR A 118 9.58 -9.46 35.68
CA TYR A 118 9.87 -8.52 36.76
C TYR A 118 11.37 -8.49 37.06
N ASP A 119 12.16 -9.13 36.21
CA ASP A 119 13.58 -9.33 36.48
C ASP A 119 14.32 -8.03 36.76
N ASP A 120 13.80 -6.93 36.22
CA ASP A 120 14.49 -5.65 36.32
C ASP A 120 14.14 -4.90 37.61
N VAL A 121 13.22 -5.46 38.40
CA VAL A 121 12.72 -4.77 39.58
C VAL A 121 12.68 -5.66 40.81
N ARG A 122 13.33 -6.82 40.72
CA ARG A 122 13.57 -7.70 41.86
C ARG A 122 15.06 -7.98 41.96
N ARG A 123 15.54 -8.23 43.19
CA ARG A 123 16.96 -8.37 43.44
C ARG A 123 17.34 -9.79 43.85
N CYS A 124 16.36 -10.52 44.38
CA CYS A 124 16.61 -11.85 44.91
C CYS A 124 16.89 -12.87 43.81
N CYS A 125 16.04 -12.87 42.79
CA CYS A 125 16.10 -13.90 41.74
C CYS A 125 16.19 -13.31 40.35
N SER A 126 16.39 -14.17 39.35
CA SER A 126 16.40 -13.77 37.96
C SER A 126 15.85 -14.88 37.08
N SER A 127 15.33 -14.49 35.92
CA SER A 127 14.76 -15.43 34.98
C SER A 127 13.64 -16.27 35.61
N ALA A 128 13.90 -17.56 35.82
CA ALA A 128 12.87 -18.50 36.25
C ALA A 128 12.95 -18.84 37.75
N ASP A 129 13.97 -18.34 38.43
CA ASP A 129 14.09 -18.55 39.88
C ASP A 129 13.07 -17.71 40.63
N ILE A 130 12.53 -18.29 41.70
CA ILE A 130 11.55 -17.60 42.52
C ILE A 130 11.80 -17.89 43.99
N CYS A 131 11.40 -16.96 44.84
CA CYS A 131 11.53 -17.13 46.28
C CYS A 131 10.31 -16.47 46.91
N PRO A 132 10.15 -16.61 48.22
CA PRO A 132 9.02 -15.96 48.91
C PRO A 132 9.09 -14.43 48.83
N LYS A 133 10.30 -13.90 48.68
CA LYS A 133 10.51 -12.47 48.74
C LYS A 133 10.02 -11.79 47.46
N CYS A 134 10.08 -12.48 46.33
CA CYS A 134 9.62 -11.89 45.07
C CYS A 134 8.20 -12.36 44.72
N TRP A 135 7.77 -13.50 45.25
CA TRP A 135 6.46 -14.06 44.87
C TRP A 135 5.31 -13.10 45.17
N THR A 136 5.54 -12.20 46.12
CA THR A 136 4.54 -11.20 46.51
C THR A 136 4.09 -10.35 45.32
N LEU A 137 4.91 -10.34 44.26
CA LEU A 137 4.56 -9.64 43.03
C LEU A 137 3.35 -10.32 42.40
N MET A 138 3.42 -11.65 42.31
CA MET A 138 2.34 -12.44 41.75
C MET A 138 1.10 -12.26 42.61
N THR A 139 1.33 -12.22 43.92
CA THR A 139 0.26 -12.01 44.88
C THR A 139 -0.46 -10.71 44.50
N MET A 140 0.31 -9.63 44.41
CA MET A 140 -0.24 -8.32 44.09
C MET A 140 -0.87 -8.29 42.71
N ALA A 141 -0.32 -9.07 41.79
CA ALA A 141 -0.78 -9.06 40.41
C ALA A 141 -2.20 -9.61 40.34
N ILE A 142 -2.46 -10.68 41.09
CA ILE A 142 -3.78 -11.33 41.09
C ILE A 142 -4.82 -10.41 41.69
N ARG A 143 -4.53 -9.86 42.87
CA ARG A 143 -5.46 -8.98 43.55
C ARG A 143 -5.82 -7.77 42.67
N ILE A 144 -4.79 -7.21 42.02
CA ILE A 144 -4.94 -6.03 41.17
C ILE A 144 -5.81 -6.32 39.96
N ILE A 145 -5.55 -7.47 39.34
CA ILE A 145 -6.18 -7.85 38.09
C ILE A 145 -7.57 -8.44 38.34
N ASP A 146 -7.64 -9.40 39.26
CA ASP A 146 -8.89 -10.06 39.58
C ASP A 146 -9.92 -9.03 40.00
N ARG A 147 -9.48 -8.01 40.72
CA ARG A 147 -10.36 -6.94 41.19
C ARG A 147 -10.94 -6.19 39.99
N ALA A 148 -10.09 -5.91 39.00
CA ALA A 148 -10.49 -5.13 37.84
C ALA A 148 -11.47 -5.94 36.99
N LEU A 149 -11.14 -7.21 36.81
CA LEU A 149 -11.99 -8.13 36.05
C LEU A 149 -13.34 -8.27 36.73
N LYS A 150 -13.31 -8.26 38.05
CA LYS A 150 -14.52 -8.43 38.86
C LYS A 150 -15.35 -7.16 38.97
N GLU A 151 -14.67 -6.06 39.31
CA GLU A 151 -15.35 -4.81 39.62
C GLU A 151 -15.58 -3.95 38.39
N ASP A 152 -14.54 -3.73 37.60
CA ASP A 152 -14.64 -2.84 36.45
C ASP A 152 -15.28 -3.53 35.26
N PHE A 153 -15.03 -4.83 35.11
CA PHE A 153 -15.49 -5.57 33.94
C PHE A 153 -16.67 -6.50 34.26
N GLY A 154 -16.94 -6.70 35.53
CA GLY A 154 -18.11 -7.46 35.94
C GLY A 154 -18.02 -8.95 35.62
N PHE A 155 -16.82 -9.42 35.32
CA PHE A 155 -16.60 -10.84 35.08
C PHE A 155 -16.70 -11.59 36.40
N LYS A 156 -17.48 -12.66 36.43
CA LYS A 156 -17.83 -13.33 37.68
C LYS A 156 -17.19 -14.71 37.83
N HIS A 157 -16.89 -15.36 36.71
CA HIS A 157 -16.29 -16.70 36.76
C HIS A 157 -14.83 -16.63 36.31
N ARG A 158 -13.95 -16.52 37.29
CA ARG A 158 -12.53 -16.27 37.06
C ARG A 158 -11.71 -17.31 37.78
N LEU A 159 -10.95 -18.08 37.02
CA LEU A 159 -10.15 -19.17 37.56
C LEU A 159 -8.67 -18.85 37.49
N TRP A 160 -8.04 -18.81 38.65
CA TRP A 160 -6.60 -18.57 38.73
C TRP A 160 -5.84 -19.86 38.98
N VAL A 161 -4.73 -20.01 38.28
CA VAL A 161 -3.99 -21.27 38.30
C VAL A 161 -2.48 -21.03 38.36
N TYR A 162 -1.83 -21.72 39.28
CA TYR A 162 -0.38 -21.69 39.37
C TYR A 162 0.22 -22.33 38.12
N SER A 163 1.23 -21.68 37.55
CA SER A 163 1.78 -22.12 36.27
C SER A 163 2.53 -23.43 36.43
N GLY A 164 2.90 -23.72 37.68
CA GLY A 164 3.68 -24.89 38.00
C GLY A 164 5.10 -24.49 38.39
N ARG A 165 5.46 -23.24 38.10
CA ARG A 165 6.80 -22.74 38.41
C ARG A 165 6.89 -21.22 38.45
N ARG A 166 6.92 -20.58 37.28
CA ARG A 166 7.35 -19.19 37.17
C ARG A 166 6.26 -18.17 37.42
N GLY A 167 5.03 -18.61 37.54
CA GLY A 167 3.95 -17.66 37.68
C GLY A 167 2.56 -18.24 37.82
N VAL A 168 1.61 -17.51 37.24
CA VAL A 168 0.20 -17.78 37.43
C VAL A 168 -0.57 -17.52 36.13
N HIS A 169 -1.64 -18.27 35.91
CA HIS A 169 -2.53 -18.04 34.80
C HIS A 169 -3.89 -17.65 35.34
N CYS A 170 -4.70 -17.04 34.50
CA CYS A 170 -6.07 -16.70 34.85
C CYS A 170 -6.98 -17.11 33.70
N TRP A 171 -8.09 -17.74 34.05
CA TRP A 171 -9.08 -18.15 33.06
C TRP A 171 -10.41 -17.47 33.36
N VAL A 172 -10.88 -16.67 32.41
CA VAL A 172 -12.18 -16.01 32.52
C VAL A 172 -13.14 -16.78 31.63
N CYS A 173 -14.16 -17.38 32.24
CA CYS A 173 -14.99 -18.36 31.57
C CYS A 173 -16.47 -17.97 31.52
N ASP A 174 -16.77 -16.73 31.84
CA ASP A 174 -18.13 -16.22 31.71
C ASP A 174 -18.62 -16.42 30.28
N GLU A 175 -19.91 -16.74 30.12
CA GLU A 175 -20.47 -17.00 28.79
C GLU A 175 -20.19 -15.89 27.80
N SER A 176 -20.58 -14.67 28.17
CA SER A 176 -20.45 -13.51 27.30
C SER A 176 -18.99 -13.23 26.94
N VAL A 177 -18.07 -13.68 27.81
CA VAL A 177 -16.65 -13.41 27.64
C VAL A 177 -16.07 -14.24 26.50
N ARG A 178 -16.44 -15.51 26.45
CA ARG A 178 -15.84 -16.45 25.51
C ARG A 178 -16.08 -16.04 24.05
N LYS A 179 -17.00 -15.12 23.82
CA LYS A 179 -17.38 -14.72 22.48
C LYS A 179 -16.71 -13.42 22.05
N LEU A 180 -15.86 -12.86 22.90
CA LEU A 180 -15.26 -11.57 22.64
C LEU A 180 -14.25 -11.63 21.50
N SER A 181 -14.24 -10.58 20.68
CA SER A 181 -13.36 -10.52 19.52
C SER A 181 -11.93 -10.31 19.97
N SER A 182 -11.00 -10.49 19.05
CA SER A 182 -9.58 -10.31 19.35
C SER A 182 -9.31 -8.86 19.75
N ALA A 183 -10.07 -7.95 19.13
CA ALA A 183 -9.84 -6.52 19.31
C ALA A 183 -10.22 -6.06 20.72
N VAL A 184 -11.34 -6.55 21.24
CA VAL A 184 -11.78 -6.20 22.59
C VAL A 184 -10.77 -6.73 23.59
N ARG A 185 -10.32 -7.96 23.35
CA ARG A 185 -9.33 -8.61 24.20
C ARG A 185 -8.09 -7.73 24.25
N SER A 186 -7.70 -7.21 23.10
CA SER A 186 -6.55 -6.33 23.02
C SER A 186 -6.82 -5.05 23.81
N GLY A 187 -8.07 -4.63 23.78
CA GLY A 187 -8.48 -3.40 24.44
C GLY A 187 -8.40 -3.54 25.95
N ILE A 188 -8.71 -4.73 26.44
CA ILE A 188 -8.69 -5.03 27.88
C ILE A 188 -7.26 -5.07 28.41
N VAL A 189 -6.34 -5.51 27.57
CA VAL A 189 -4.92 -5.54 27.93
C VAL A 189 -4.41 -4.11 28.17
N GLU A 190 -4.74 -3.20 27.25
CA GLU A 190 -4.28 -1.82 27.31
C GLU A 190 -4.82 -1.12 28.55
N TYR A 191 -6.06 -1.45 28.91
CA TYR A 191 -6.72 -0.89 30.08
C TYR A 191 -5.99 -1.31 31.35
N LEU A 192 -5.40 -2.51 31.31
CA LEU A 192 -4.76 -3.10 32.47
C LEU A 192 -3.27 -2.81 32.52
N SER A 193 -2.70 -2.43 31.39
CA SER A 193 -1.26 -2.28 31.28
C SER A 193 -0.81 -0.86 31.60
N LEU A 194 0.20 -0.75 32.47
CA LEU A 194 0.77 0.55 32.84
C LEU A 194 2.27 0.58 32.59
N VAL A 195 2.92 -0.56 32.79
CA VAL A 195 4.37 -0.64 32.63
C VAL A 195 4.71 -0.81 31.15
N LYS A 196 5.17 0.28 30.53
CA LYS A 196 5.51 0.28 29.12
C LYS A 196 7.00 0.54 28.93
N GLY A 197 7.65 -0.35 28.20
CA GLY A 197 9.07 -0.22 27.91
C GLY A 197 9.80 -1.55 28.01
N GLY A 198 10.99 -1.61 27.41
CA GLY A 198 11.80 -2.81 27.41
C GLY A 198 12.97 -2.73 28.36
N GLN A 199 14.14 -2.40 27.82
CA GLN A 199 15.36 -2.24 28.61
C GLN A 199 15.99 -0.88 28.32
N ASP A 200 15.82 -0.43 27.08
CA ASP A 200 16.27 0.90 26.65
C ASP A 200 15.63 1.97 27.53
N VAL A 201 14.41 1.70 27.97
CA VAL A 201 13.65 2.64 28.80
C VAL A 201 13.89 2.37 30.29
N LYS A 202 14.36 3.39 30.99
CA LYS A 202 14.61 3.29 32.42
C LYS A 202 13.36 3.60 33.22
N LYS A 203 12.64 4.63 32.82
CA LYS A 203 11.39 4.98 33.48
C LYS A 203 10.22 4.42 32.68
N LYS A 204 9.54 3.43 33.26
CA LYS A 204 8.51 2.69 32.55
C LYS A 204 7.09 3.12 32.97
N VAL A 205 7.00 4.13 33.83
CA VAL A 205 5.70 4.58 34.35
C VAL A 205 5.57 6.10 34.39
N HIS A 206 4.50 6.61 33.78
CA HIS A 206 4.19 8.03 33.81
C HIS A 206 2.71 8.23 34.11
N LEU A 207 2.43 9.07 35.08
CA LEU A 207 1.06 9.35 35.49
C LEU A 207 0.67 10.80 35.21
N SER A 208 -0.54 11.00 34.69
CA SER A 208 -1.09 12.33 34.47
C SER A 208 -1.55 12.94 35.79
N GLU A 209 -2.00 14.18 35.75
CA GLU A 209 -2.47 14.83 36.97
C GLU A 209 -3.71 14.14 37.51
N LYS A 210 -4.57 13.67 36.59
CA LYS A 210 -5.80 13.00 36.97
C LYS A 210 -5.65 11.49 36.86
N ILE A 211 -5.91 10.82 37.97
CA ILE A 211 -5.67 9.38 38.08
C ILE A 211 -6.94 8.58 37.88
N HIS A 212 -6.91 7.71 36.88
CA HIS A 212 -8.03 6.80 36.63
C HIS A 212 -8.18 5.86 37.82
N PRO A 213 -9.40 5.68 38.33
CA PRO A 213 -9.64 4.89 39.55
C PRO A 213 -8.92 3.54 39.57
N PHE A 214 -8.94 2.85 38.44
CA PHE A 214 -8.26 1.57 38.30
C PHE A 214 -6.82 1.62 38.83
N ILE A 215 -6.16 2.76 38.61
CA ILE A 215 -4.80 2.97 39.11
C ILE A 215 -4.83 3.24 40.62
N ARG A 216 -5.68 4.18 41.02
CA ARG A 216 -5.84 4.54 42.42
C ARG A 216 -6.09 3.29 43.25
N LYS A 217 -7.02 2.47 42.77
CA LYS A 217 -7.42 1.26 43.46
C LYS A 217 -6.27 0.29 43.50
N SER A 218 -5.51 0.22 42.40
CA SER A 218 -4.40 -0.70 42.27
C SER A 218 -3.24 -0.31 43.18
N ILE A 219 -3.03 1.00 43.30
CA ILE A 219 -2.00 1.55 44.18
C ILE A 219 -2.29 1.23 45.63
N ASN A 220 -3.52 1.51 46.06
CA ASN A 220 -3.94 1.29 47.44
C ASN A 220 -3.74 -0.17 47.83
N ILE A 221 -3.78 -1.07 46.85
CA ILE A 221 -3.48 -2.48 47.09
C ILE A 221 -2.00 -2.62 47.39
N ILE A 222 -1.19 -2.02 46.53
CA ILE A 222 0.26 -2.14 46.64
C ILE A 222 0.70 -1.49 47.94
N LYS A 223 0.01 -0.41 48.31
CA LYS A 223 0.29 0.29 49.55
C LYS A 223 0.26 -0.73 50.69
N LYS A 224 -0.69 -1.65 50.60
CA LYS A 224 -0.92 -2.65 51.65
C LYS A 224 0.18 -3.70 51.70
N TYR A 225 0.95 -3.81 50.62
CA TYR A 225 2.00 -4.83 50.48
C TYR A 225 3.40 -4.23 50.34
N PHE A 226 3.45 -2.95 50.01
CA PHE A 226 4.69 -2.31 49.58
C PHE A 226 5.81 -2.43 50.61
N GLU A 227 5.52 -2.08 51.85
CA GLU A 227 6.53 -1.99 52.91
C GLU A 227 7.30 -3.31 53.08
N GLU A 228 6.57 -4.40 53.25
CA GLU A 228 7.19 -5.70 53.53
C GLU A 228 7.96 -6.23 52.32
N TYR A 229 7.44 -5.98 51.13
CA TYR A 229 8.06 -6.50 49.91
C TYR A 229 9.24 -5.65 49.48
N ALA A 230 8.98 -4.37 49.26
CA ALA A 230 9.91 -3.49 48.58
C ALA A 230 11.02 -3.00 49.50
N LEU A 231 10.64 -2.60 50.71
CA LEU A 231 11.55 -1.91 51.61
C LEU A 231 12.25 -2.87 52.58
N VAL A 232 11.64 -4.03 52.81
CA VAL A 232 12.19 -5.01 53.73
C VAL A 232 12.79 -6.18 52.97
N ASN A 233 11.94 -6.95 52.31
CA ASN A 233 12.36 -8.17 51.64
C ASN A 233 13.25 -7.85 50.44
N GLN A 234 12.88 -6.81 49.70
CA GLN A 234 13.65 -6.40 48.53
C GLN A 234 14.70 -5.37 48.92
N ASP A 235 14.33 -4.45 49.81
CA ASP A 235 15.25 -3.44 50.32
C ASP A 235 15.76 -2.60 49.15
N ILE A 236 14.83 -2.01 48.41
CA ILE A 236 15.17 -1.33 47.16
C ILE A 236 16.02 -0.07 47.36
N LEU A 237 16.23 0.32 48.62
CA LEU A 237 17.08 1.48 48.93
C LEU A 237 18.18 1.05 49.90
N GLU A 238 18.59 -0.21 49.79
CA GLU A 238 19.67 -0.75 50.62
C GLU A 238 20.92 0.10 50.50
N ASN A 239 21.30 0.36 49.26
CA ASN A 239 22.53 1.08 48.97
C ASN A 239 22.37 2.00 47.77
N LYS A 240 23.47 2.61 47.35
CA LYS A 240 23.44 3.54 46.25
C LYS A 240 23.21 2.82 44.92
N GLU A 241 23.85 1.66 44.76
CA GLU A 241 23.70 0.89 43.52
C GLU A 241 22.21 0.64 43.26
N SER A 242 21.46 0.47 44.34
CA SER A 242 20.04 0.15 44.26
C SER A 242 19.17 1.40 44.17
N TRP A 243 19.48 2.42 44.98
CA TRP A 243 18.59 3.57 45.08
C TRP A 243 18.80 4.58 43.96
N ASP A 244 19.91 4.48 43.26
CA ASP A 244 20.13 5.30 42.08
C ASP A 244 19.09 4.92 41.04
N LYS A 245 18.82 3.62 40.93
CA LYS A 245 17.85 3.09 39.98
C LYS A 245 16.50 3.77 40.20
N ILE A 246 16.24 4.08 41.47
CA ILE A 246 15.00 4.76 41.85
C ILE A 246 15.10 6.22 41.43
N LEU A 247 16.25 6.83 41.72
CA LEU A 247 16.46 8.23 41.39
C LEU A 247 16.39 8.45 39.88
N ALA A 248 16.60 7.35 39.14
CA ALA A 248 16.51 7.39 37.68
C ALA A 248 15.07 7.61 37.24
N LEU A 249 14.14 7.47 38.19
CA LEU A 249 12.72 7.55 37.89
C LEU A 249 12.15 8.90 38.31
N VAL A 250 13.03 9.82 38.71
CA VAL A 250 12.61 11.12 39.18
C VAL A 250 13.49 12.24 38.60
N PRO A 251 13.02 13.50 38.65
CA PRO A 251 13.78 14.65 38.15
C PRO A 251 15.09 14.90 38.88
N GLU A 252 16.07 15.41 38.15
CA GLU A 252 17.40 15.64 38.69
C GLU A 252 17.39 16.67 39.81
N THR A 253 16.41 17.57 39.77
CA THR A 253 16.38 18.75 40.64
C THR A 253 16.28 18.38 42.13
N ILE A 254 16.13 17.09 42.41
CA ILE A 254 15.96 16.58 43.77
C ILE A 254 16.93 15.45 44.09
N HIS A 255 17.77 15.10 43.13
CA HIS A 255 18.73 14.01 43.30
C HIS A 255 19.66 14.28 44.47
N ASP A 256 20.18 15.51 44.53
CA ASP A 256 21.16 15.89 45.54
C ASP A 256 20.56 15.84 46.95
N GLU A 257 19.39 16.46 47.10
CA GLU A 257 18.71 16.50 48.40
C GLU A 257 18.48 15.09 48.92
N LEU A 258 17.95 14.23 48.06
CA LEU A 258 17.63 12.86 48.43
C LEU A 258 18.89 12.03 48.67
N GLN A 259 19.92 12.29 47.86
CA GLN A 259 21.17 11.56 47.96
C GLN A 259 21.76 11.71 49.36
N GLN A 260 21.69 12.93 49.89
CA GLN A 260 22.22 13.22 51.23
C GLN A 260 21.41 12.49 52.28
N SER A 261 20.10 12.65 52.20
CA SER A 261 19.20 12.05 53.16
C SER A 261 19.37 10.53 53.20
N PHE A 262 19.67 9.92 52.06
CA PHE A 262 19.87 8.48 52.00
C PHE A 262 21.16 8.12 52.72
N GLN A 263 22.19 8.93 52.52
CA GLN A 263 23.50 8.67 53.12
C GLN A 263 23.46 8.86 54.64
N LYS A 264 22.65 9.81 55.10
CA LYS A 264 22.49 10.05 56.53
C LYS A 264 21.54 9.04 57.16
N SER A 265 20.74 8.38 56.31
CA SER A 265 19.74 7.44 56.78
C SER A 265 20.35 6.05 56.96
N HIS A 266 19.62 5.15 57.62
CA HIS A 266 20.16 3.86 58.00
C HIS A 266 19.50 2.71 57.22
N ASN A 267 18.17 2.78 57.08
CA ASN A 267 17.41 1.73 56.39
C ASN A 267 16.53 2.29 55.28
N SER A 268 15.99 1.38 54.47
CA SER A 268 15.17 1.75 53.31
C SER A 268 13.88 2.45 53.74
N LEU A 269 13.40 2.12 54.93
CA LEU A 269 12.17 2.69 55.44
C LEU A 269 12.32 4.19 55.68
N GLN A 270 13.45 4.56 56.29
CA GLN A 270 13.75 5.96 56.55
C GLN A 270 13.86 6.69 55.22
N ARG A 271 14.58 6.06 54.30
CA ARG A 271 14.91 6.67 53.02
C ARG A 271 13.67 6.88 52.16
N TRP A 272 12.80 5.88 52.17
CA TRP A 272 11.57 5.93 51.40
C TRP A 272 10.66 6.99 51.97
N GLU A 273 10.72 7.16 53.30
CA GLU A 273 9.88 8.13 53.97
C GLU A 273 10.34 9.52 53.56
N HIS A 274 11.65 9.67 53.42
CA HIS A 274 12.24 10.93 52.99
C HIS A 274 11.77 11.24 51.58
N LEU A 275 11.90 10.24 50.71
CA LEU A 275 11.54 10.37 49.30
C LEU A 275 10.12 10.90 49.16
N LYS A 276 9.22 10.34 49.96
CA LYS A 276 7.82 10.70 49.89
C LYS A 276 7.66 12.19 50.12
N LYS A 277 8.37 12.66 51.15
CA LYS A 277 8.25 14.04 51.57
C LYS A 277 8.74 14.96 50.48
N VAL A 278 9.91 14.62 49.94
CA VAL A 278 10.56 15.43 48.90
C VAL A 278 9.73 15.45 47.62
N ALA A 279 9.18 14.29 47.26
CA ALA A 279 8.40 14.15 46.04
C ALA A 279 7.13 14.99 46.16
N SER A 280 6.49 14.87 47.32
CA SER A 280 5.26 15.59 47.63
C SER A 280 5.48 17.09 47.52
N ARG A 281 6.64 17.54 47.98
N ARG A 281 6.65 17.52 47.96
CA ARG A 281 6.98 18.97 47.95
CA ARG A 281 7.03 18.93 47.97
C ARG A 281 7.14 19.48 46.52
C ARG A 281 7.17 19.47 46.54
N TYR A 282 7.59 18.60 45.63
CA TYR A 282 7.87 18.99 44.25
C TYR A 282 6.59 19.22 43.45
N GLN A 283 5.49 18.62 43.89
CA GLN A 283 4.20 18.75 43.21
C GLN A 283 3.57 20.12 43.38
N ASN A 284 3.79 20.72 44.55
CA ASN A 284 3.12 21.96 44.91
C ASN A 284 3.39 23.11 43.95
N ASN A 285 4.61 23.19 43.43
CA ASN A 285 4.99 24.28 42.54
C ASN A 285 4.20 24.30 41.25
N PRO A 293 5.29 14.61 38.84
CA PRO A 293 4.51 14.99 40.02
C PRO A 293 4.20 13.80 40.94
N TRP A 294 3.47 12.81 40.43
CA TRP A 294 3.09 11.65 41.24
C TRP A 294 4.23 10.65 41.35
N LEU A 295 5.41 11.17 41.68
CA LEU A 295 6.63 10.36 41.65
C LEU A 295 6.56 9.15 42.56
N GLU A 296 5.89 9.30 43.71
CA GLU A 296 5.81 8.22 44.69
C GLU A 296 5.13 7.01 44.07
N TRP A 297 3.99 7.27 43.44
CA TRP A 297 3.14 6.21 42.92
C TRP A 297 3.72 5.60 41.64
N GLU A 298 4.37 6.43 40.82
CA GLU A 298 4.99 5.93 39.61
C GLU A 298 6.06 4.88 39.94
N ILE A 299 6.69 5.05 41.10
CA ILE A 299 7.76 4.15 41.52
C ILE A 299 7.18 2.84 42.04
N MET A 300 6.16 2.94 42.89
CA MET A 300 5.52 1.77 43.47
C MET A 300 5.00 0.90 42.34
N LEU A 301 4.37 1.54 41.37
CA LEU A 301 3.83 0.86 40.21
C LEU A 301 4.90 0.17 39.39
N GLN A 302 5.96 0.91 39.05
CA GLN A 302 7.00 0.37 38.20
C GLN A 302 7.64 -0.87 38.83
N TYR A 303 7.61 -0.93 40.17
CA TYR A 303 8.26 -2.00 40.90
C TYR A 303 7.33 -3.15 41.29
N CYS A 304 6.03 -2.88 41.33
CA CYS A 304 5.05 -3.84 41.86
C CYS A 304 3.91 -4.13 40.90
N PHE A 305 3.62 -3.20 39.99
CA PHE A 305 2.51 -3.39 39.07
C PHE A 305 2.84 -4.48 38.04
N PRO A 306 1.83 -5.27 37.62
CA PRO A 306 2.09 -6.38 36.71
C PRO A 306 2.44 -6.02 35.26
N ARG A 307 3.29 -6.84 34.63
CA ARG A 307 3.58 -6.72 33.22
C ARG A 307 2.79 -7.80 32.46
N LEU A 308 2.16 -7.42 31.35
CA LEU A 308 1.26 -8.29 30.61
C LEU A 308 1.58 -8.41 29.12
N ASP A 309 1.76 -9.64 28.65
CA ASP A 309 1.92 -9.90 27.22
C ASP A 309 0.58 -9.91 26.51
N ILE A 310 0.38 -8.95 25.62
CA ILE A 310 -0.89 -8.82 24.93
C ILE A 310 -1.20 -10.03 24.06
N ASN A 311 -0.16 -10.62 23.47
CA ASN A 311 -0.32 -11.73 22.53
C ASN A 311 -1.08 -12.90 23.16
N VAL A 312 -0.84 -13.12 24.44
CA VAL A 312 -1.41 -14.26 25.15
C VAL A 312 -2.92 -14.11 25.22
N SER A 313 -3.38 -12.87 25.37
CA SER A 313 -4.79 -12.57 25.53
C SER A 313 -5.40 -12.06 24.22
N LYS A 314 -4.54 -11.63 23.31
CA LYS A 314 -4.99 -11.10 22.03
C LYS A 314 -5.66 -12.15 21.19
N GLY A 315 -4.93 -13.23 20.90
CA GLY A 315 -5.39 -14.24 19.98
C GLY A 315 -6.46 -15.14 20.56
N ILE A 316 -7.51 -15.37 19.79
CA ILE A 316 -8.57 -16.28 20.19
C ILE A 316 -8.06 -17.71 20.04
N ASN A 317 -7.07 -17.90 19.17
CA ASN A 317 -6.54 -19.22 18.86
C ASN A 317 -5.32 -19.57 19.72
N HIS A 318 -5.22 -18.99 20.91
CA HIS A 318 -4.03 -19.18 21.72
C HIS A 318 -4.13 -20.46 22.53
N LEU A 319 -3.06 -21.25 22.46
CA LEU A 319 -2.96 -22.49 23.23
C LEU A 319 -2.21 -22.27 24.53
N LEU A 320 -2.93 -22.38 25.64
CA LEU A 320 -2.33 -22.17 26.96
C LEU A 320 -2.36 -23.44 27.81
N LYS A 321 -1.30 -23.61 28.60
CA LYS A 321 -1.12 -24.74 29.49
C LYS A 321 -2.39 -25.09 30.27
N SER A 322 -2.79 -26.36 30.19
CA SER A 322 -4.02 -26.83 30.82
C SER A 322 -3.86 -26.96 32.35
N PRO A 323 -4.90 -26.60 33.12
CA PRO A 323 -4.89 -26.83 34.57
C PRO A 323 -4.69 -28.30 34.94
N PHE A 324 -4.25 -28.54 36.16
CA PHE A 324 -4.00 -29.90 36.66
C PHE A 324 -2.95 -30.63 35.80
N SER A 325 -2.26 -29.90 34.94
CA SER A 325 -1.14 -30.49 34.19
C SER A 325 0.05 -30.58 35.13
N VAL A 326 1.12 -31.25 34.68
CA VAL A 326 2.27 -31.50 35.54
C VAL A 326 3.51 -30.80 34.97
N HIS A 327 4.23 -30.08 35.84
CA HIS A 327 5.41 -29.34 35.43
C HIS A 327 6.65 -30.24 35.29
N PRO A 328 7.13 -30.44 34.03
CA PRO A 328 8.19 -31.42 33.74
C PRO A 328 9.50 -31.26 34.51
N LYS A 329 9.68 -30.15 35.21
CA LYS A 329 10.93 -29.87 35.91
C LYS A 329 10.73 -29.85 37.42
N THR A 330 9.71 -29.13 37.86
CA THR A 330 9.39 -28.98 39.27
C THR A 330 8.59 -30.19 39.75
N GLY A 331 7.83 -30.77 38.82
CA GLY A 331 6.95 -31.87 39.12
C GLY A 331 5.67 -31.38 39.76
N ARG A 332 5.59 -30.06 39.98
CA ARG A 332 4.43 -29.45 40.60
C ARG A 332 3.25 -29.47 39.63
N ILE A 333 2.05 -29.33 40.17
CA ILE A 333 0.83 -29.42 39.36
C ILE A 333 0.30 -28.02 39.06
N SER A 334 -0.27 -27.84 37.88
CA SER A 334 -0.97 -26.61 37.55
C SER A 334 -2.27 -26.57 38.36
N VAL A 335 -2.14 -26.13 39.61
CA VAL A 335 -3.23 -26.19 40.56
C VAL A 335 -4.04 -24.90 40.58
N PRO A 336 -5.36 -25.01 40.78
CA PRO A 336 -6.20 -23.82 41.01
C PRO A 336 -5.88 -23.15 42.34
N ILE A 337 -6.27 -21.88 42.48
CA ILE A 337 -5.92 -21.09 43.65
C ILE A 337 -7.16 -20.44 44.23
N ASP A 338 -7.24 -20.45 45.55
CA ASP A 338 -8.36 -19.86 46.25
C ASP A 338 -8.08 -18.37 46.49
N LEU A 339 -8.87 -17.53 45.83
CA LEU A 339 -8.70 -16.08 45.93
C LEU A 339 -8.78 -15.60 47.37
N GLN A 340 -9.53 -16.34 48.19
CA GLN A 340 -9.75 -15.96 49.58
C GLN A 340 -8.51 -16.25 50.41
N LYS A 341 -7.69 -17.18 49.94
CA LYS A 341 -6.46 -17.55 50.63
C LYS A 341 -5.27 -17.32 49.70
N VAL A 342 -5.29 -16.19 48.99
CA VAL A 342 -4.25 -15.86 48.02
C VAL A 342 -2.93 -15.51 48.70
N ASP A 343 -3.00 -14.74 49.79
CA ASP A 343 -1.79 -14.34 50.51
C ASP A 343 -1.13 -15.58 51.12
N GLN A 344 -1.92 -16.65 51.25
CA GLN A 344 -1.48 -17.87 51.91
C GLN A 344 -0.93 -18.85 50.89
N PHE A 345 -1.06 -18.53 49.61
CA PHE A 345 -0.56 -19.41 48.56
C PHE A 345 0.95 -19.54 48.66
N ASP A 346 1.44 -20.74 48.42
CA ASP A 346 2.86 -21.05 48.48
C ASP A 346 3.21 -22.04 47.36
N PRO A 347 3.94 -21.59 46.34
CA PRO A 347 4.23 -22.45 45.19
C PRO A 347 5.19 -23.57 45.57
N PHE A 348 5.80 -23.49 46.75
CA PHE A 348 6.76 -24.50 47.20
C PHE A 348 6.07 -25.62 47.94
N THR A 349 4.88 -25.33 48.47
CA THR A 349 4.07 -26.34 49.15
C THR A 349 3.07 -26.95 48.17
N VAL A 350 3.20 -26.63 46.89
CA VAL A 350 2.30 -27.20 45.90
C VAL A 350 2.69 -28.66 45.70
N PRO A 351 1.70 -29.57 45.79
CA PRO A 351 1.96 -31.01 45.64
C PRO A 351 2.66 -31.36 44.34
N THR A 352 3.71 -32.18 44.43
CA THR A 352 4.35 -32.70 43.23
C THR A 352 3.63 -33.98 42.85
N ILE A 353 3.73 -34.36 41.57
CA ILE A 353 3.12 -35.60 41.11
C ILE A 353 3.71 -36.79 41.86
N SER A 354 5.00 -36.72 42.14
CA SER A 354 5.68 -37.80 42.85
C SER A 354 5.11 -37.91 44.26
N PHE A 355 4.62 -36.80 44.78
CA PHE A 355 4.15 -36.73 46.16
C PHE A 355 2.76 -37.30 46.29
N ILE A 356 1.90 -37.02 45.31
CA ILE A 356 0.51 -37.46 45.38
C ILE A 356 0.35 -38.90 44.88
N CYS A 357 1.27 -39.35 44.04
CA CYS A 357 1.29 -40.75 43.62
C CYS A 357 1.81 -41.60 44.77
N ARG A 358 2.71 -41.02 45.54
CA ARG A 358 3.23 -41.65 46.76
C ARG A 358 2.07 -41.93 47.72
N GLU A 359 1.23 -40.91 47.92
CA GLU A 359 0.06 -41.01 48.79
C GLU A 359 -0.91 -42.07 48.29
N LEU A 360 -0.99 -42.20 46.96
CA LEU A 360 -1.90 -43.14 46.32
C LEU A 360 -1.47 -44.59 46.52
N ASP A 361 -0.15 -44.81 46.54
CA ASP A 361 0.40 -46.16 46.72
C ASP A 361 0.57 -46.48 48.21
N ALA A 362 -0.23 -45.83 49.04
CA ALA A 362 -0.20 -46.01 50.50
C ALA A 362 -1.60 -46.32 51.02
N ILE A 363 -2.44 -46.91 50.16
CA ILE A 363 -3.80 -47.28 50.53
C ILE A 363 -4.21 -48.54 49.80
N ARG A 382 -12.80 -45.41 41.97
CA ARG A 382 -11.94 -44.46 41.25
C ARG A 382 -12.32 -43.02 41.56
N THR A 383 -13.62 -42.74 41.61
CA THR A 383 -14.12 -41.37 41.66
C THR A 383 -13.83 -40.64 42.97
N ARG A 384 -13.15 -41.30 43.90
CA ARG A 384 -12.91 -40.74 45.22
C ARG A 384 -11.45 -40.90 45.66
N ASP A 385 -10.62 -41.49 44.80
CA ASP A 385 -9.22 -41.73 45.12
C ASP A 385 -8.45 -40.42 45.33
N TYR A 386 -8.73 -39.43 44.48
CA TYR A 386 -8.01 -38.16 44.53
C TYR A 386 -8.32 -37.38 45.81
N LYS A 387 -9.51 -37.61 46.36
CA LYS A 387 -9.94 -36.91 47.56
C LYS A 387 -9.10 -37.30 48.78
N LYS A 388 -8.44 -38.46 48.69
CA LYS A 388 -7.61 -38.95 49.78
C LYS A 388 -6.21 -38.36 49.71
N THR A 389 -5.92 -37.65 48.61
CA THR A 389 -4.59 -37.09 48.37
C THR A 389 -4.52 -35.60 48.75
N SER A 390 -3.31 -35.04 48.69
CA SER A 390 -3.11 -33.62 48.98
C SER A 390 -3.64 -32.76 47.84
N LEU A 391 -4.02 -33.41 46.75
CA LEU A 391 -4.58 -32.76 45.57
C LEU A 391 -6.02 -32.32 45.78
N ALA A 392 -6.68 -32.94 46.76
CA ALA A 392 -8.12 -32.75 46.98
C ALA A 392 -8.55 -31.29 47.11
N PRO A 393 -7.95 -30.54 48.06
CA PRO A 393 -8.47 -29.20 48.36
C PRO A 393 -8.50 -28.27 47.15
N TYR A 394 -7.60 -28.48 46.19
CA TYR A 394 -7.51 -27.61 45.02
C TYR A 394 -8.67 -27.95 44.09
N VAL A 395 -9.05 -29.22 44.06
CA VAL A 395 -10.16 -29.67 43.24
C VAL A 395 -11.43 -29.07 43.80
N LYS A 396 -11.46 -28.91 45.12
CA LYS A 396 -12.62 -28.35 45.79
C LYS A 396 -12.82 -26.92 45.30
N VAL A 397 -11.71 -26.20 45.16
CA VAL A 397 -11.74 -24.82 44.67
C VAL A 397 -12.17 -24.79 43.21
N PHE A 398 -11.72 -25.78 42.46
CA PHE A 398 -12.08 -25.88 41.04
C PHE A 398 -13.56 -26.23 40.90
N GLU A 399 -14.09 -26.97 41.87
CA GLU A 399 -15.50 -27.37 41.83
C GLU A 399 -16.39 -26.19 42.19
N HIS A 400 -15.97 -25.40 43.17
CA HIS A 400 -16.72 -24.20 43.56
C HIS A 400 -16.79 -23.25 42.38
N PHE A 401 -15.72 -23.23 41.59
CA PHE A 401 -15.68 -22.45 40.37
C PHE A 401 -16.72 -23.01 39.42
N LEU A 402 -16.75 -24.34 39.32
CA LEU A 402 -17.69 -25.04 38.46
C LEU A 402 -19.10 -24.91 38.99
N GLU A 403 -19.22 -24.90 40.31
CA GLU A 403 -20.52 -24.88 40.96
C GLU A 403 -21.21 -23.54 40.73
N ASN A 404 -20.47 -22.45 40.96
CA ASN A 404 -20.99 -21.10 40.71
C ASN A 404 -21.29 -20.92 39.23
N LEU A 405 -20.66 -21.73 38.40
CA LEU A 405 -20.83 -21.64 36.96
C LEU A 405 -22.17 -22.24 36.54
N ASP A 406 -22.59 -23.29 37.22
CA ASP A 406 -23.88 -23.92 36.95
C ASP A 406 -25.02 -22.97 37.33
N LYS A 407 -24.91 -22.39 38.53
CA LYS A 407 -25.94 -21.50 39.07
C LYS A 407 -26.23 -20.35 38.11
N SER A 408 -25.17 -19.83 37.49
CA SER A 408 -25.31 -18.71 36.58
C SER A 408 -26.20 -19.12 35.41
N ARG A 409 -26.00 -20.33 34.91
CA ARG A 409 -26.78 -20.85 33.81
C ARG A 409 -28.25 -21.01 34.22
N LYS A 410 -28.48 -21.38 35.47
CA LYS A 410 -29.83 -21.62 35.97
C LYS A 410 -30.52 -20.35 36.50
N GLY A 411 -30.12 -19.92 37.70
CA GLY A 411 -30.76 -18.80 38.38
C GLY A 411 -30.16 -17.45 38.02
N ILE B 53 -27.49 13.18 -13.62
CA ILE B 53 -26.76 14.45 -13.66
C ILE B 53 -25.88 14.53 -14.89
N SER B 54 -25.47 15.76 -15.23
CA SER B 54 -24.60 15.99 -16.38
C SER B 54 -23.17 15.65 -16.03
N LEU B 55 -22.40 15.25 -17.03
CA LEU B 55 -20.98 14.96 -16.85
C LEU B 55 -20.22 16.21 -16.40
N ILE B 56 -20.73 17.37 -16.79
CA ILE B 56 -20.12 18.65 -16.42
C ILE B 56 -20.40 18.94 -14.93
N GLU B 57 -21.61 18.65 -14.49
CA GLU B 57 -21.94 18.78 -13.08
C GLU B 57 -21.12 17.77 -12.29
N PHE B 58 -21.08 16.54 -12.79
CA PHE B 58 -20.33 15.45 -12.17
C PHE B 58 -18.90 15.87 -11.85
N GLU B 59 -18.17 16.31 -12.87
CA GLU B 59 -16.77 16.70 -12.71
C GLU B 59 -16.66 17.92 -11.80
N ASN B 60 -17.63 18.82 -11.92
CA ASN B 60 -17.66 20.03 -11.11
C ASN B 60 -17.95 19.67 -9.65
N LEU B 61 -18.84 18.72 -9.45
CA LEU B 61 -19.25 18.29 -8.12
C LEU B 61 -18.07 17.69 -7.38
N ALA B 62 -17.18 17.03 -8.12
CA ALA B 62 -15.98 16.43 -7.56
C ALA B 62 -15.05 17.51 -7.01
N ILE B 63 -14.67 18.44 -7.88
CA ILE B 63 -13.71 19.50 -7.55
C ILE B 63 -14.16 20.32 -6.34
N ASP B 64 -15.46 20.54 -6.20
CA ASP B 64 -16.00 21.34 -5.11
C ASP B 64 -15.69 20.69 -3.76
N ARG B 65 -16.03 19.42 -3.63
CA ARG B 65 -15.86 18.70 -2.37
C ARG B 65 -14.37 18.54 -2.07
N VAL B 66 -13.55 18.47 -3.12
CA VAL B 66 -12.10 18.39 -2.96
C VAL B 66 -11.60 19.63 -2.21
N LYS B 67 -12.02 20.80 -2.68
CA LYS B 67 -11.66 22.06 -2.05
C LYS B 67 -12.07 22.08 -0.59
N LEU B 68 -13.27 21.54 -0.33
CA LEU B 68 -13.84 21.53 1.00
C LEU B 68 -12.97 20.74 1.98
N LEU B 69 -12.63 19.51 1.61
CA LEU B 69 -11.83 18.64 2.48
C LEU B 69 -10.45 19.23 2.69
N LYS B 70 -9.91 19.88 1.66
CA LYS B 70 -8.59 20.49 1.76
C LYS B 70 -8.65 21.71 2.68
N SER B 71 -9.83 22.31 2.78
CA SER B 71 -10.05 23.44 3.67
C SER B 71 -10.19 22.98 5.12
N VAL B 72 -10.90 21.87 5.33
CA VAL B 72 -11.10 21.30 6.66
C VAL B 72 -9.75 20.92 7.28
N GLU B 73 -8.86 20.39 6.46
CA GLU B 73 -7.54 19.97 6.91
C GLU B 73 -6.75 21.22 7.34
N ASN B 74 -7.01 22.33 6.66
CA ASN B 74 -6.37 23.60 6.98
C ASN B 74 -6.95 24.18 8.27
N LEU B 75 -8.26 24.07 8.44
CA LEU B 75 -8.94 24.56 9.64
C LEU B 75 -8.58 23.70 10.85
N SER B 88 -16.98 28.31 12.49
CA SER B 88 -17.44 29.52 11.82
C SER B 88 -16.95 29.57 10.39
N LYS B 89 -15.69 29.20 10.18
CA LYS B 89 -15.08 29.26 8.87
C LYS B 89 -15.65 28.18 7.96
N LEU B 90 -15.78 26.97 8.50
CA LEU B 90 -16.25 25.83 7.73
C LEU B 90 -17.74 25.95 7.39
N GLU B 91 -18.51 26.53 8.31
CA GLU B 91 -19.93 26.76 8.06
C GLU B 91 -20.11 27.71 6.88
N SER B 92 -19.20 28.66 6.78
CA SER B 92 -19.22 29.63 5.69
C SER B 92 -18.89 28.92 4.39
N GLU B 93 -17.78 28.18 4.40
CA GLU B 93 -17.33 27.45 3.22
C GLU B 93 -18.38 26.45 2.77
N LEU B 94 -19.15 25.92 3.72
CA LEU B 94 -20.21 24.98 3.37
C LEU B 94 -21.33 25.70 2.63
N ARG B 95 -21.63 26.92 3.07
CA ARG B 95 -22.64 27.75 2.41
C ARG B 95 -22.18 28.15 1.00
N LYS B 96 -20.90 28.49 0.87
CA LYS B 96 -20.36 28.92 -0.41
C LYS B 96 -20.37 27.77 -1.39
N LEU B 97 -19.95 26.60 -0.91
CA LEU B 97 -19.85 25.40 -1.76
C LEU B 97 -21.14 24.60 -1.72
N ARG B 113 -29.07 17.42 -0.94
CA ARG B 113 -28.98 16.72 -2.22
C ARG B 113 -27.54 16.76 -2.74
N ARG B 114 -26.86 17.87 -2.48
CA ARG B 114 -25.50 18.08 -2.97
C ARG B 114 -24.47 17.20 -2.26
N ASP B 115 -24.57 17.11 -0.94
CA ASP B 115 -23.58 16.39 -0.14
C ASP B 115 -23.62 14.88 -0.36
N HIS B 116 -24.81 14.34 -0.49
CA HIS B 116 -24.98 12.89 -0.59
C HIS B 116 -24.33 12.36 -1.86
N ILE B 117 -24.66 12.96 -3.00
CA ILE B 117 -24.17 12.47 -4.29
C ILE B 117 -22.67 12.73 -4.41
N SER B 118 -22.26 13.95 -4.03
CA SER B 118 -20.87 14.34 -4.15
C SER B 118 -19.99 13.38 -3.36
N HIS B 119 -20.51 12.97 -2.21
CA HIS B 119 -19.80 12.05 -1.31
C HIS B 119 -19.58 10.69 -1.97
N PHE B 120 -20.64 10.16 -2.57
CA PHE B 120 -20.60 8.83 -3.19
C PHE B 120 -19.78 8.82 -4.48
N ILE B 121 -19.55 9.99 -5.05
CA ILE B 121 -18.73 10.10 -6.25
C ILE B 121 -17.26 9.97 -5.87
N LEU B 122 -16.85 10.68 -4.82
CA LEU B 122 -15.46 10.68 -4.39
C LEU B 122 -15.04 9.30 -3.91
N ARG B 123 -16.02 8.48 -3.53
CA ARG B 123 -15.76 7.10 -3.14
C ARG B 123 -15.04 6.37 -4.28
N LEU B 124 -15.33 6.78 -5.51
CA LEU B 124 -14.72 6.19 -6.68
C LEU B 124 -13.28 6.68 -6.87
N ALA B 125 -13.00 7.88 -6.38
CA ALA B 125 -11.73 8.56 -6.60
C ALA B 125 -10.61 8.12 -5.65
N TYR B 126 -10.90 8.14 -4.35
CA TYR B 126 -9.85 7.99 -3.34
C TYR B 126 -9.61 6.53 -2.92
N CYS B 127 -10.12 5.59 -3.71
CA CYS B 127 -9.92 4.17 -3.45
C CYS B 127 -8.67 3.63 -4.16
N GLN B 128 -8.06 4.46 -4.99
CA GLN B 128 -6.96 4.03 -5.84
C GLN B 128 -5.66 3.77 -5.07
N SER B 129 -5.48 4.41 -3.91
CA SER B 129 -4.25 4.26 -3.14
C SER B 129 -4.47 4.39 -1.64
N GLU B 130 -3.60 3.74 -0.87
CA GLU B 130 -3.67 3.73 0.60
C GLU B 130 -3.68 5.12 1.21
N GLU B 131 -2.87 6.02 0.67
CA GLU B 131 -2.76 7.39 1.18
C GLU B 131 -4.08 8.15 0.99
N LEU B 132 -4.70 7.92 -0.16
CA LEU B 132 -5.92 8.62 -0.52
C LEU B 132 -7.11 8.21 0.34
N ARG B 133 -7.19 6.92 0.66
CA ARG B 133 -8.28 6.42 1.50
C ARG B 133 -8.26 7.10 2.86
N ARG B 134 -7.12 7.04 3.54
CA ARG B 134 -6.95 7.62 4.87
C ARG B 134 -7.24 9.12 4.87
N TRP B 135 -6.76 9.81 3.83
CA TRP B 135 -6.95 11.25 3.73
C TRP B 135 -8.43 11.58 3.67
N PHE B 136 -9.13 10.90 2.77
CA PHE B 136 -10.57 11.09 2.59
C PHE B 136 -11.30 10.82 3.91
N ILE B 137 -10.83 9.80 4.64
CA ILE B 137 -11.42 9.45 5.92
C ILE B 137 -11.22 10.57 6.94
N GLN B 138 -9.96 10.98 7.11
CA GLN B 138 -9.59 11.96 8.13
C GLN B 138 -10.30 13.29 7.91
N GLN B 139 -10.41 13.70 6.65
CA GLN B 139 -11.06 14.96 6.31
C GLN B 139 -12.57 14.88 6.48
N GLU B 140 -13.15 13.74 6.11
CA GLU B 140 -14.59 13.53 6.27
C GLU B 140 -14.91 13.39 7.75
N MET B 141 -13.94 12.89 8.52
CA MET B 141 -14.09 12.78 9.96
C MET B 141 -14.18 14.16 10.61
N ASP B 142 -13.12 14.96 10.42
CA ASP B 142 -13.09 16.32 10.95
C ASP B 142 -14.29 17.11 10.45
N LEU B 143 -14.75 16.75 9.26
CA LEU B 143 -15.94 17.36 8.68
C LEU B 143 -17.17 16.98 9.49
N LEU B 144 -17.28 15.68 9.77
CA LEU B 144 -18.45 15.15 10.47
C LEU B 144 -18.54 15.72 11.90
N ARG B 145 -17.38 15.85 12.54
CA ARG B 145 -17.30 16.42 13.88
C ARG B 145 -18.01 17.77 13.90
N PHE B 146 -17.69 18.61 12.92
CA PHE B 146 -18.31 19.92 12.75
C PHE B 146 -19.81 19.81 12.51
N ARG B 147 -20.19 18.95 11.57
CA ARG B 147 -21.58 18.76 11.20
C ARG B 147 -22.43 18.44 12.43
N PHE B 148 -21.82 17.74 13.39
CA PHE B 148 -22.49 17.35 14.62
C PHE B 148 -22.35 18.40 15.72
N SER B 149 -21.32 19.23 15.61
CA SER B 149 -21.07 20.29 16.60
C SER B 149 -22.22 21.30 16.65
N ILE B 150 -22.91 21.44 15.52
CA ILE B 150 -23.97 22.44 15.39
C ILE B 150 -25.38 21.84 15.51
N LEU B 151 -25.51 20.79 16.33
CA LEU B 151 -26.78 20.09 16.49
C LEU B 151 -27.34 20.21 17.90
N PRO B 152 -28.68 20.30 18.03
CA PRO B 152 -29.36 20.37 19.34
C PRO B 152 -29.39 19.02 20.07
N LYS B 153 -29.37 19.06 21.40
CA LYS B 153 -29.37 17.84 22.21
C LYS B 153 -30.60 16.98 21.95
N ASP B 154 -31.68 17.62 21.52
CA ASP B 154 -32.96 16.93 21.31
C ASP B 154 -32.88 15.90 20.20
N LYS B 155 -32.36 16.30 19.03
CA LYS B 155 -32.28 15.39 17.88
C LYS B 155 -31.24 14.32 18.16
N ILE B 156 -30.18 14.71 18.88
CA ILE B 156 -29.11 13.78 19.25
C ILE B 156 -29.69 12.59 19.97
N GLN B 157 -30.48 12.85 21.01
CA GLN B 157 -31.08 11.79 21.81
C GLN B 157 -31.97 10.90 20.95
N ASP B 158 -32.72 11.53 20.06
CA ASP B 158 -33.67 10.81 19.20
C ASP B 158 -32.90 9.96 18.20
N PHE B 159 -31.79 10.50 17.72
CA PHE B 159 -30.96 9.81 16.73
C PHE B 159 -30.29 8.59 17.33
N LEU B 160 -29.94 8.67 18.61
CA LEU B 160 -29.37 7.55 19.33
C LEU B 160 -30.38 6.41 19.45
N LYS B 161 -31.63 6.78 19.68
CA LYS B 161 -32.72 5.81 19.75
C LYS B 161 -32.96 5.18 18.37
N ASP B 162 -32.56 5.90 17.33
CA ASP B 162 -32.68 5.41 15.95
C ASP B 162 -31.49 4.52 15.57
N SER B 163 -30.41 4.62 16.35
CA SER B 163 -29.18 3.89 16.05
C SER B 163 -29.22 2.43 16.50
N GLN B 164 -30.28 2.07 17.23
CA GLN B 164 -30.44 0.71 17.74
C GLN B 164 -29.24 0.32 18.62
N LEU B 165 -28.89 1.22 19.53
CA LEU B 165 -27.78 1.02 20.45
C LEU B 165 -28.29 0.88 21.88
N GLN B 166 -27.79 -0.12 22.60
CA GLN B 166 -28.23 -0.38 23.97
C GLN B 166 -27.85 0.75 24.91
N PHE B 167 -28.36 1.94 24.64
CA PHE B 167 -28.03 3.13 25.43
C PHE B 167 -29.11 3.41 26.45
N GLU B 168 -28.73 4.10 27.51
CA GLU B 168 -29.60 4.29 28.66
C GLU B 168 -29.08 5.39 29.56
N ALA B 169 -29.78 6.51 29.60
CA ALA B 169 -29.42 7.61 30.47
C ALA B 169 -29.61 7.20 31.93
N ILE B 170 -28.54 7.33 32.71
CA ILE B 170 -28.63 7.08 34.16
C ILE B 170 -29.45 8.21 34.78
N SER B 171 -29.80 8.06 36.06
CA SER B 171 -30.55 9.09 36.76
C SER B 171 -29.73 10.37 36.94
N ASP B 172 -30.18 11.22 37.86
CA ASP B 172 -29.45 12.44 38.22
C ASP B 172 -28.78 12.24 39.59
N GLU B 173 -29.31 11.28 40.35
CA GLU B 173 -28.80 10.97 41.68
C GLU B 173 -27.67 9.96 41.64
N GLU B 174 -27.80 8.94 40.79
CA GLU B 174 -26.75 7.95 40.62
C GLU B 174 -25.58 8.61 39.91
N LYS B 175 -25.88 9.68 39.18
CA LYS B 175 -24.87 10.50 38.51
C LYS B 175 -23.94 11.16 39.53
N THR B 176 -24.54 11.75 40.56
CA THR B 176 -23.79 12.45 41.60
C THR B 176 -23.20 11.44 42.58
N LEU B 177 -23.69 10.21 42.53
CA LEU B 177 -23.23 9.16 43.43
C LEU B 177 -21.84 8.70 43.00
N ARG B 178 -21.59 8.77 41.70
CA ARG B 178 -20.33 8.32 41.10
C ARG B 178 -19.54 9.52 40.59
N GLU B 179 -19.73 10.67 41.22
CA GLU B 179 -19.18 11.93 40.73
C GLU B 179 -17.66 11.93 40.61
N GLN B 180 -16.97 11.53 41.68
CA GLN B 180 -15.50 11.61 41.72
C GLN B 180 -14.88 10.65 40.71
N GLU B 181 -15.41 9.43 40.67
CA GLU B 181 -14.81 8.33 39.91
C GLU B 181 -14.85 8.58 38.41
N ILE B 182 -15.74 9.48 37.98
CA ILE B 182 -15.93 9.76 36.57
C ILE B 182 -15.07 10.92 36.12
N VAL B 183 -14.94 11.92 37.00
CA VAL B 183 -14.15 13.09 36.70
C VAL B 183 -12.70 12.68 36.51
N ALA B 184 -12.25 11.79 37.39
CA ALA B 184 -10.88 11.30 37.38
C ALA B 184 -10.66 10.40 36.16
N SER B 185 -11.72 9.75 35.71
CA SER B 185 -11.68 8.87 34.55
C SER B 185 -11.56 9.70 33.27
N SER B 186 -12.53 10.58 33.06
CA SER B 186 -12.61 11.37 31.84
C SER B 186 -11.66 12.58 31.91
N PRO B 187 -10.67 12.66 30.99
CA PRO B 187 -9.73 13.79 31.00
C PRO B 187 -10.29 15.05 30.33
N SER B 188 -11.46 14.93 29.70
CA SER B 188 -12.05 16.04 28.95
C SER B 188 -12.73 17.08 29.86
N LEU B 189 -12.24 17.18 31.10
CA LEU B 189 -12.83 18.07 32.09
C LEU B 189 -11.77 19.01 32.68
N LEU B 194 -20.23 19.87 36.03
CA LEU B 194 -20.51 18.49 35.67
C LEU B 194 -22.00 18.26 35.42
N GLY B 195 -22.83 18.61 36.40
CA GLY B 195 -24.26 18.37 36.34
C GLY B 195 -25.00 19.02 35.18
N PHE B 196 -24.27 19.84 34.42
CA PHE B 196 -24.81 20.53 33.25
C PHE B 196 -24.95 19.62 32.04
N GLU B 197 -24.90 18.31 32.26
CA GLU B 197 -24.85 17.35 31.17
C GLU B 197 -25.40 16.00 31.61
N SER B 198 -25.63 15.12 30.64
CA SER B 198 -26.16 13.79 30.90
C SER B 198 -25.10 12.74 30.62
N ILE B 199 -25.23 11.60 31.29
CA ILE B 199 -24.29 10.49 31.14
C ILE B 199 -25.05 9.19 30.97
N TYR B 200 -24.56 8.35 30.06
CA TYR B 200 -25.26 7.11 29.72
C TYR B 200 -24.42 5.90 30.11
N LYS B 201 -25.11 4.85 30.55
CA LYS B 201 -24.46 3.63 31.02
C LYS B 201 -24.46 2.60 29.88
N ILE B 202 -23.29 2.35 29.32
CA ILE B 202 -23.14 1.45 28.18
C ILE B 202 -22.33 0.21 28.50
N PRO B 203 -22.67 -0.94 27.87
CA PRO B 203 -21.76 -2.09 27.95
C PRO B 203 -20.39 -1.74 27.40
N PHE B 204 -19.33 -2.04 28.16
CA PHE B 204 -17.97 -1.60 27.84
C PHE B 204 -17.54 -2.02 26.43
N ALA B 205 -18.01 -3.18 25.98
CA ALA B 205 -17.59 -3.75 24.70
C ALA B 205 -17.84 -2.77 23.55
N ASP B 206 -18.90 -1.97 23.69
CA ASP B 206 -19.31 -1.02 22.67
C ASP B 206 -18.54 0.29 22.78
N ALA B 207 -17.73 0.41 23.84
CA ALA B 207 -16.99 1.63 24.14
C ALA B 207 -15.49 1.40 24.03
N LEU B 208 -15.10 0.49 23.14
CA LEU B 208 -13.73 0.01 23.00
C LEU B 208 -12.66 1.11 23.09
N ASP B 209 -12.73 2.08 22.18
CA ASP B 209 -11.66 3.07 22.03
C ASP B 209 -11.42 3.91 23.28
N LEU B 210 -12.41 3.97 24.17
CA LEU B 210 -12.27 4.77 25.37
C LEU B 210 -11.51 4.04 26.46
N PHE B 211 -12.04 2.90 26.89
CA PHE B 211 -11.47 2.21 28.04
C PHE B 211 -10.16 1.51 27.65
N ARG B 212 -9.95 1.29 26.35
CA ARG B 212 -8.67 0.74 25.90
C ARG B 212 -7.56 1.78 26.06
N GLY B 213 -7.97 3.00 26.41
CA GLY B 213 -7.06 4.09 26.68
C GLY B 213 -7.32 4.70 28.05
N ARG B 214 -8.15 4.02 28.84
CA ARG B 214 -8.52 4.48 30.19
C ARG B 214 -9.07 5.90 30.15
N LYS B 215 -10.11 6.09 29.34
CA LYS B 215 -10.70 7.41 29.12
C LYS B 215 -12.14 7.46 29.59
N VAL B 216 -12.52 6.49 30.42
CA VAL B 216 -13.89 6.44 30.92
C VAL B 216 -13.95 5.52 32.15
N TYR B 217 -14.97 5.71 32.95
CA TYR B 217 -15.15 4.89 34.15
C TYR B 217 -15.93 3.63 33.81
N LEU B 218 -15.46 2.50 34.32
CA LEU B 218 -16.14 1.23 34.15
C LEU B 218 -16.65 0.70 35.49
N GLU B 219 -17.75 -0.04 35.45
CA GLU B 219 -18.28 -0.67 36.66
C GLU B 219 -19.23 -1.79 36.29
N ASP B 220 -18.88 -3.00 36.72
CA ASP B 220 -19.73 -4.18 36.53
C ASP B 220 -19.99 -4.43 35.05
N GLY B 221 -18.98 -4.15 34.21
CA GLY B 221 -19.06 -4.47 32.81
C GLY B 221 -19.65 -3.33 31.99
N PHE B 222 -19.94 -2.22 32.66
CA PHE B 222 -20.57 -1.09 31.99
C PHE B 222 -19.74 0.18 32.12
N ALA B 223 -19.65 0.91 31.01
CA ALA B 223 -18.98 2.20 30.96
C ALA B 223 -19.96 3.31 31.30
N TYR B 224 -19.45 4.42 31.83
CA TYR B 224 -20.26 5.57 32.20
C TYR B 224 -19.71 6.75 31.40
N VAL B 225 -20.37 7.07 30.29
CA VAL B 225 -19.80 7.96 29.30
C VAL B 225 -20.45 9.34 29.29
N PRO B 226 -19.65 10.39 29.01
CA PRO B 226 -20.25 11.71 28.80
C PRO B 226 -20.90 11.80 27.42
N LEU B 227 -21.57 12.90 27.15
CA LEU B 227 -22.17 13.13 25.85
C LEU B 227 -21.12 13.58 24.83
N LYS B 228 -19.99 14.07 25.31
CA LYS B 228 -18.91 14.49 24.43
C LYS B 228 -18.20 13.32 23.78
N ASP B 229 -18.00 12.25 24.55
CA ASP B 229 -17.20 11.11 24.10
C ASP B 229 -18.04 10.11 23.34
N ILE B 230 -19.34 10.10 23.58
CA ILE B 230 -20.24 9.19 22.86
C ILE B 230 -20.25 9.59 21.38
N VAL B 231 -19.78 10.80 21.11
CA VAL B 231 -19.64 11.32 19.75
C VAL B 231 -18.58 10.48 19.03
N ALA B 232 -17.41 10.38 19.65
CA ALA B 232 -16.26 9.73 19.04
C ALA B 232 -16.51 8.25 18.73
N ILE B 233 -17.49 7.64 19.41
CA ILE B 233 -17.82 6.25 19.17
C ILE B 233 -18.37 6.05 17.75
N ILE B 234 -19.56 6.58 17.52
CA ILE B 234 -20.22 6.52 16.22
C ILE B 234 -19.30 7.13 15.17
N LEU B 235 -18.51 8.11 15.59
CA LEU B 235 -17.53 8.73 14.73
C LEU B 235 -16.51 7.70 14.28
N ASN B 236 -16.20 6.77 15.18
CA ASN B 236 -15.24 5.71 14.91
C ASN B 236 -15.93 4.57 14.18
N GLU B 237 -17.16 4.28 14.58
CA GLU B 237 -17.98 3.27 13.90
C GLU B 237 -18.21 3.72 12.48
N PHE B 238 -18.33 5.02 12.28
CA PHE B 238 -18.45 5.58 10.94
C PHE B 238 -17.15 5.36 10.20
N ARG B 239 -16.04 5.70 10.85
CA ARG B 239 -14.71 5.45 10.31
C ARG B 239 -14.58 3.97 9.99
N ALA B 240 -15.24 3.14 10.80
CA ALA B 240 -15.19 1.69 10.61
C ALA B 240 -16.06 1.28 9.42
N LYS B 241 -17.32 1.73 9.43
CA LYS B 241 -18.26 1.40 8.36
C LYS B 241 -17.78 2.00 7.03
N LEU B 242 -17.09 3.14 7.12
CA LEU B 242 -16.60 3.84 5.94
C LEU B 242 -15.33 3.21 5.39
N SER B 243 -14.33 3.06 6.24
CA SER B 243 -13.07 2.45 5.84
C SER B 243 -13.28 1.02 5.35
N LYS B 244 -14.37 0.40 5.81
CA LYS B 244 -14.72 -0.96 5.40
C LYS B 244 -15.29 -1.00 3.99
N ALA B 245 -16.18 -0.06 3.69
CA ALA B 245 -16.83 0.00 2.38
C ALA B 245 -15.83 0.38 1.30
N LEU B 246 -14.91 1.27 1.64
CA LEU B 246 -13.90 1.75 0.72
C LEU B 246 -12.99 0.62 0.25
N ALA B 247 -12.56 -0.21 1.20
CA ALA B 247 -11.68 -1.33 0.91
C ALA B 247 -12.33 -2.31 -0.05
N LEU B 248 -13.64 -2.50 0.09
CA LEU B 248 -14.37 -3.47 -0.74
C LEU B 248 -14.48 -3.02 -2.19
N THR B 249 -14.91 -1.78 -2.39
CA THR B 249 -15.06 -1.22 -3.72
C THR B 249 -13.71 -1.14 -4.43
N ALA B 250 -12.65 -1.08 -3.64
CA ALA B 250 -11.29 -0.94 -4.17
C ALA B 250 -10.83 -2.17 -4.93
N ARG B 251 -11.27 -3.35 -4.49
CA ARG B 251 -10.84 -4.59 -5.11
C ARG B 251 -11.80 -5.14 -6.16
N SER B 252 -13.10 -4.97 -5.95
CA SER B 252 -14.08 -5.65 -6.79
C SER B 252 -14.24 -5.00 -8.16
N LEU B 253 -14.21 -3.67 -8.19
CA LEU B 253 -14.44 -2.94 -9.43
C LEU B 253 -13.20 -2.99 -10.33
N ASP B 259 -11.05 4.34 -16.65
CA ASP B 259 -11.91 5.08 -17.56
C ASP B 259 -11.42 6.51 -17.75
N GLU B 260 -11.31 6.93 -19.01
CA GLU B 260 -10.77 8.24 -19.38
C GLU B 260 -11.52 9.42 -18.76
N ARG B 261 -12.85 9.29 -18.65
CA ARG B 261 -13.69 10.39 -18.21
C ARG B 261 -13.42 10.82 -16.76
N LEU B 262 -12.73 9.97 -16.01
CA LEU B 262 -12.40 10.26 -14.61
C LEU B 262 -10.99 10.83 -14.46
N GLN B 263 -10.24 10.82 -15.56
CA GLN B 263 -8.84 11.27 -15.56
C GLN B 263 -8.61 12.68 -15.00
N PRO B 264 -9.35 13.69 -15.52
CA PRO B 264 -9.04 15.06 -15.09
C PRO B 264 -9.27 15.32 -13.60
N LEU B 265 -10.20 14.57 -13.01
CA LEU B 265 -10.46 14.68 -11.57
C LEU B 265 -9.37 13.92 -10.83
N LEU B 266 -8.88 12.87 -11.46
CA LEU B 266 -7.87 11.99 -10.88
C LEU B 266 -6.47 12.56 -11.01
N ASN B 267 -6.33 13.58 -11.86
CA ASN B 267 -5.04 14.19 -12.14
C ASN B 267 -4.82 15.45 -11.30
N HIS B 268 -5.74 16.40 -11.40
CA HIS B 268 -5.62 17.67 -10.69
C HIS B 268 -5.84 17.44 -9.20
N LEU B 269 -6.89 16.68 -8.88
CA LEU B 269 -7.22 16.37 -7.49
C LEU B 269 -7.38 17.64 -6.65
N PHE C 7 -9.41 36.43 -48.24
CA PHE C 7 -10.54 35.57 -47.90
C PHE C 7 -11.42 36.23 -46.83
N ASP C 8 -12.74 36.04 -46.97
CA ASP C 8 -13.72 36.61 -46.05
C ASP C 8 -14.41 35.48 -45.28
N PRO C 9 -14.22 35.41 -43.94
CA PRO C 9 -14.81 34.31 -43.17
C PRO C 9 -16.34 34.38 -43.05
N THR C 10 -16.96 35.41 -43.62
CA THR C 10 -18.41 35.56 -43.56
C THR C 10 -19.06 34.84 -44.74
N GLU C 11 -18.27 34.63 -45.79
CA GLU C 11 -18.69 33.87 -46.96
C GLU C 11 -18.65 32.37 -46.65
N LEU C 12 -18.10 32.04 -45.48
CA LEU C 12 -17.77 30.67 -45.11
C LEU C 12 -18.97 29.69 -45.10
N PRO C 13 -20.04 30.03 -44.35
CA PRO C 13 -21.13 29.06 -44.17
C PRO C 13 -21.80 28.59 -45.47
N GLU C 14 -21.71 29.41 -46.52
CA GLU C 14 -22.28 29.05 -47.82
C GLU C 14 -21.34 28.11 -48.56
N LEU C 15 -20.05 28.45 -48.52
CA LEU C 15 -19.02 27.67 -49.18
C LEU C 15 -19.01 26.22 -48.70
N LEU C 16 -19.27 26.05 -47.40
CA LEU C 16 -19.27 24.74 -46.77
C LEU C 16 -20.31 23.81 -47.38
N LYS C 17 -21.53 24.32 -47.52
CA LYS C 17 -22.63 23.54 -48.10
C LYS C 17 -22.20 22.94 -49.43
N LEU C 18 -21.71 23.80 -50.31
CA LEU C 18 -21.31 23.40 -51.64
C LEU C 18 -20.12 22.45 -51.57
N TYR C 19 -19.15 22.81 -50.74
CA TYR C 19 -17.94 22.00 -50.57
C TYR C 19 -18.27 20.60 -50.08
N TYR C 20 -19.11 20.52 -49.04
CA TYR C 20 -19.46 19.24 -48.44
C TYR C 20 -20.29 18.38 -49.38
N ARG C 21 -20.91 19.02 -50.38
CA ARG C 21 -21.87 18.34 -51.24
C ARG C 21 -21.28 17.85 -52.57
N ARG C 22 -20.30 18.56 -53.11
CA ARG C 22 -19.79 18.27 -54.46
C ARG C 22 -18.26 18.24 -54.58
N LEU C 23 -17.54 18.39 -53.47
CA LEU C 23 -16.08 18.47 -53.53
C LEU C 23 -15.36 17.54 -52.55
N PHE C 24 -15.91 17.37 -51.36
CA PHE C 24 -15.31 16.51 -50.35
C PHE C 24 -15.18 15.07 -50.86
N PRO C 25 -13.95 14.52 -50.86
CA PRO C 25 -13.73 13.17 -51.38
C PRO C 25 -14.15 12.09 -50.37
N TYR C 26 -15.45 11.91 -50.20
CA TYR C 26 -15.98 10.89 -49.29
C TYR C 26 -15.48 9.50 -49.65
N SER C 27 -15.26 9.27 -50.95
CA SER C 27 -14.84 7.97 -51.46
C SER C 27 -13.54 7.51 -50.81
N GLN C 28 -12.50 8.32 -50.95
CA GLN C 28 -11.18 7.99 -50.41
C GLN C 28 -11.21 8.06 -48.88
N TYR C 29 -12.08 8.92 -48.35
CA TYR C 29 -12.20 9.13 -46.92
C TYR C 29 -12.64 7.86 -46.21
N TYR C 30 -13.65 7.19 -46.77
CA TYR C 30 -14.19 5.98 -46.17
C TYR C 30 -13.22 4.82 -46.28
N ARG C 31 -12.48 4.77 -47.38
CA ARG C 31 -11.48 3.74 -47.61
C ARG C 31 -10.50 3.72 -46.44
N TRP C 32 -10.19 4.91 -45.94
CA TRP C 32 -9.28 5.10 -44.82
C TRP C 32 -9.84 4.52 -43.51
N LEU C 33 -10.82 5.22 -42.94
CA LEU C 33 -11.26 4.97 -41.58
C LEU C 33 -11.91 3.60 -41.35
N ASN C 34 -12.34 2.96 -42.44
CA ASN C 34 -12.91 1.62 -42.33
C ASN C 34 -11.82 0.55 -42.46
N TYR C 35 -10.72 0.94 -43.10
CA TYR C 35 -9.57 0.06 -43.27
C TYR C 35 -9.96 -1.27 -43.92
N GLY C 36 -10.63 -1.18 -45.07
CA GLY C 36 -11.01 -2.37 -45.83
C GLY C 36 -12.06 -3.23 -45.15
N GLY C 37 -12.68 -2.69 -44.11
CA GLY C 37 -13.77 -3.37 -43.43
C GLY C 37 -13.39 -4.70 -42.83
N VAL C 38 -12.09 -4.96 -42.75
CA VAL C 38 -11.57 -6.22 -42.21
C VAL C 38 -12.08 -6.45 -40.80
N ILE C 39 -12.26 -5.36 -40.05
CA ILE C 39 -12.81 -5.43 -38.70
C ILE C 39 -14.14 -4.69 -38.68
N LYS C 40 -15.09 -5.29 -38.00
CA LYS C 40 -16.46 -4.78 -37.95
C LYS C 40 -16.57 -3.69 -36.91
N ASN C 41 -17.46 -2.73 -37.17
CA ASN C 41 -17.73 -1.63 -36.25
C ASN C 41 -16.50 -0.76 -35.99
N TYR C 42 -15.49 -0.86 -36.84
CA TYR C 42 -14.27 -0.09 -36.67
C TYR C 42 -14.56 1.39 -36.96
N PHE C 43 -15.12 1.64 -38.14
CA PHE C 43 -15.54 2.98 -38.52
C PHE C 43 -16.71 3.44 -37.67
N GLN C 44 -17.54 2.49 -37.26
CA GLN C 44 -18.79 2.80 -36.58
C GLN C 44 -18.54 3.23 -35.15
N HIS C 45 -17.42 2.80 -34.58
CA HIS C 45 -17.05 3.13 -33.20
C HIS C 45 -16.12 4.33 -33.14
N ARG C 46 -15.77 4.88 -34.31
CA ARG C 46 -14.88 6.03 -34.38
C ARG C 46 -15.58 7.27 -33.84
N GLU C 47 -14.87 8.07 -33.05
CA GLU C 47 -15.42 9.31 -32.54
C GLU C 47 -15.09 10.48 -33.45
N PHE C 48 -16.01 11.43 -33.51
CA PHE C 48 -15.77 12.72 -34.16
C PHE C 48 -16.32 13.81 -33.26
N SER C 49 -15.97 15.06 -33.55
CA SER C 49 -16.55 16.20 -32.86
C SER C 49 -16.70 17.36 -33.82
N PHE C 50 -17.82 18.07 -33.70
CA PHE C 50 -18.13 19.18 -34.59
C PHE C 50 -18.19 20.49 -33.82
N THR C 51 -17.82 21.57 -34.48
CA THR C 51 -18.02 22.91 -33.96
C THR C 51 -18.88 23.70 -34.95
N LEU C 52 -20.05 24.12 -34.50
CA LEU C 52 -21.00 24.82 -35.34
C LEU C 52 -20.89 26.33 -35.14
N LYS C 53 -21.90 27.06 -35.59
CA LYS C 53 -21.94 28.50 -35.46
C LYS C 53 -21.97 28.92 -33.99
N ASP C 54 -21.44 30.12 -33.72
CA ASP C 54 -21.37 30.67 -32.36
C ASP C 54 -20.54 29.76 -31.46
N ASP C 55 -19.56 29.08 -32.06
CA ASP C 55 -18.58 28.28 -31.33
C ASP C 55 -19.23 27.25 -30.40
N ILE C 56 -20.32 26.63 -30.87
CA ILE C 56 -20.96 25.56 -30.12
C ILE C 56 -20.23 24.25 -30.41
N TYR C 57 -19.72 23.63 -29.36
CA TYR C 57 -18.91 22.43 -29.48
C TYR C 57 -19.69 21.19 -29.05
N ILE C 58 -19.56 20.12 -29.83
CA ILE C 58 -20.12 18.82 -29.48
C ILE C 58 -19.18 17.72 -29.93
N ARG C 59 -19.14 16.64 -29.16
CA ARG C 59 -18.31 15.48 -29.49
C ARG C 59 -19.12 14.20 -29.28
N TYR C 60 -18.42 13.07 -29.23
CA TYR C 60 -19.05 11.75 -29.09
C TYR C 60 -20.00 11.49 -30.26
N GLN C 61 -19.66 12.04 -31.43
CA GLN C 61 -20.43 11.83 -32.66
C GLN C 61 -19.90 10.65 -33.46
N SER C 62 -20.78 9.73 -33.86
CA SER C 62 -20.39 8.59 -34.68
C SER C 62 -21.43 8.29 -35.76
N PHE C 63 -21.07 7.43 -36.71
CA PHE C 63 -21.90 7.15 -37.87
C PHE C 63 -21.82 5.70 -38.33
N ASN C 64 -22.83 5.26 -39.07
CA ASN C 64 -22.97 3.87 -39.49
C ASN C 64 -22.11 3.50 -40.71
N ASN C 65 -22.00 4.41 -41.68
CA ASN C 65 -21.21 4.15 -42.88
C ASN C 65 -20.96 5.44 -43.66
N GLN C 66 -20.36 5.31 -44.84
CA GLN C 66 -20.01 6.47 -45.67
C GLN C 66 -21.23 7.35 -45.98
N SER C 67 -22.32 6.72 -46.37
CA SER C 67 -23.54 7.45 -46.71
C SER C 67 -24.09 8.17 -45.49
N ASP C 68 -24.10 7.47 -44.36
CA ASP C 68 -24.59 8.03 -43.09
C ASP C 68 -23.76 9.26 -42.72
N LEU C 69 -22.49 9.25 -43.09
CA LEU C 69 -21.59 10.37 -42.84
C LEU C 69 -21.89 11.54 -43.76
N GLU C 70 -21.93 11.24 -45.06
CA GLU C 70 -22.16 12.26 -46.09
C GLU C 70 -23.41 13.06 -45.80
N LYS C 71 -24.40 12.41 -45.21
CA LYS C 71 -25.68 13.03 -44.89
C LYS C 71 -25.54 14.05 -43.77
N GLU C 72 -25.18 13.58 -42.58
CA GLU C 72 -25.16 14.41 -41.38
C GLU C 72 -24.20 15.59 -41.49
N MET C 73 -23.15 15.43 -42.30
CA MET C 73 -22.14 16.48 -42.46
C MET C 73 -22.66 17.69 -43.20
N GLN C 74 -23.14 17.47 -44.43
CA GLN C 74 -23.72 18.55 -45.22
C GLN C 74 -24.99 19.06 -44.54
N ALA C 75 -25.61 18.19 -43.74
CA ALA C 75 -26.78 18.56 -42.96
C ALA C 75 -26.39 19.53 -41.86
N ALA C 76 -25.35 19.16 -41.10
CA ALA C 76 -24.92 19.93 -39.93
C ALA C 76 -24.07 21.13 -40.33
N ASN C 77 -23.22 20.96 -41.34
CA ASN C 77 -22.31 22.01 -41.80
C ASN C 77 -21.44 22.56 -40.67
N PRO C 78 -20.48 21.75 -40.19
CA PRO C 78 -19.61 22.15 -39.09
C PRO C 78 -18.44 23.06 -39.51
N TYR C 79 -18.00 23.93 -38.60
CA TYR C 79 -16.86 24.79 -38.84
C TYR C 79 -15.54 24.10 -38.51
N LYS C 80 -15.55 23.25 -37.49
CA LYS C 80 -14.39 22.47 -37.14
C LYS C 80 -14.76 21.00 -37.02
N ILE C 81 -13.87 20.14 -37.50
CA ILE C 81 -14.06 18.70 -37.41
C ILE C 81 -12.78 18.10 -36.86
N ASP C 82 -12.90 17.43 -35.72
CA ASP C 82 -11.76 16.77 -35.10
C ASP C 82 -12.01 15.26 -35.09
N ILE C 83 -10.93 14.49 -35.21
CA ILE C 83 -11.00 13.04 -35.23
C ILE C 83 -10.50 12.49 -33.90
N GLY C 84 -11.28 11.57 -33.33
CA GLY C 84 -10.95 10.97 -32.05
C GLY C 84 -10.48 9.53 -32.19
N ALA C 85 -10.70 8.76 -31.13
CA ALA C 85 -10.21 7.38 -31.07
C ALA C 85 -11.32 6.37 -31.34
N VAL C 86 -10.91 5.11 -31.45
CA VAL C 86 -11.84 4.00 -31.58
C VAL C 86 -12.18 3.46 -30.19
N TYR C 87 -13.45 3.59 -29.81
CA TYR C 87 -13.91 3.18 -28.49
C TYR C 87 -14.47 1.77 -28.51
N SER C 88 -14.88 1.30 -27.34
CA SER C 88 -15.46 -0.03 -27.19
C SER C 88 -16.88 -0.08 -27.75
N HIS C 89 -17.52 1.08 -27.83
CA HIS C 89 -18.90 1.19 -28.30
C HIS C 89 -19.07 2.35 -29.27
N ARG C 90 -20.32 2.74 -29.49
CA ARG C 90 -20.64 3.90 -30.30
C ARG C 90 -20.65 5.16 -29.44
N PRO C 91 -19.84 6.17 -29.81
CA PRO C 91 -19.84 7.46 -29.10
C PRO C 91 -21.24 8.06 -28.93
N ASN C 92 -22.08 7.98 -29.96
CA ASN C 92 -23.42 8.55 -29.89
C ASN C 92 -24.37 7.65 -29.11
N GLN C 93 -23.84 6.57 -28.53
CA GLN C 93 -24.59 5.66 -27.67
C GLN C 93 -23.97 5.64 -26.27
N HIS C 94 -23.10 6.60 -26.00
CA HIS C 94 -22.33 6.63 -24.75
C HIS C 94 -23.24 6.76 -23.53
N ASN C 95 -24.47 7.21 -23.76
CA ASN C 95 -25.43 7.41 -22.68
C ASN C 95 -26.03 6.09 -22.16
N THR C 96 -25.80 5.00 -22.90
CA THR C 96 -26.33 3.70 -22.51
C THR C 96 -25.26 2.88 -21.79
N VAL C 97 -24.01 3.09 -22.18
CA VAL C 97 -22.89 2.37 -21.60
C VAL C 97 -22.63 2.88 -20.18
N LYS C 98 -22.39 1.96 -19.26
CA LYS C 98 -22.14 2.29 -17.87
C LYS C 98 -20.70 2.77 -17.69
N LEU C 99 -20.48 3.59 -16.66
CA LEU C 99 -19.15 4.13 -16.38
C LEU C 99 -18.16 3.01 -16.06
N GLY C 100 -17.07 2.97 -16.81
CA GLY C 100 -16.01 2.00 -16.61
C GLY C 100 -15.87 1.03 -17.77
N ALA C 101 -16.81 1.09 -18.70
CA ALA C 101 -16.79 0.22 -19.88
C ALA C 101 -16.56 1.01 -21.16
N PHE C 102 -16.73 2.33 -21.07
CA PHE C 102 -16.51 3.21 -22.21
C PHE C 102 -15.06 3.72 -22.20
N GLN C 103 -14.19 3.00 -22.90
CA GLN C 103 -12.75 3.28 -22.91
C GLN C 103 -12.22 3.30 -24.34
N ALA C 104 -11.29 4.21 -24.62
CA ALA C 104 -10.60 4.22 -25.91
C ALA C 104 -9.67 3.02 -26.02
N GLN C 105 -9.74 2.33 -27.16
CA GLN C 105 -9.05 1.05 -27.33
C GLN C 105 -7.95 1.10 -28.38
N GLU C 106 -8.18 1.88 -29.43
CA GLU C 106 -7.20 2.01 -30.52
C GLU C 106 -7.27 3.39 -31.18
N LYS C 107 -6.12 3.84 -31.68
CA LYS C 107 -6.02 5.12 -32.37
C LYS C 107 -4.70 5.23 -33.12
N GLU C 108 -4.73 5.91 -34.26
CA GLU C 108 -3.52 6.14 -35.03
C GLU C 108 -2.55 6.98 -34.23
N LEU C 109 -1.26 6.80 -34.49
CA LEU C 109 -0.24 7.61 -33.82
C LEU C 109 -0.13 8.95 -34.55
N VAL C 110 -0.18 10.04 -33.78
CA VAL C 110 -0.28 11.38 -34.36
C VAL C 110 0.77 12.35 -33.83
N PHE C 111 1.09 13.35 -34.65
CA PHE C 111 1.99 14.41 -34.25
C PHE C 111 1.44 15.76 -34.69
N ASP C 112 1.55 16.75 -33.82
CA ASP C 112 1.14 18.12 -34.14
C ASP C 112 2.33 19.04 -33.92
N ILE C 113 2.81 19.61 -35.02
CA ILE C 113 3.95 20.52 -34.97
C ILE C 113 3.47 21.95 -35.21
N ASP C 114 3.91 22.85 -34.33
CA ASP C 114 3.44 24.23 -34.36
C ASP C 114 4.60 25.22 -34.36
N MET C 115 4.49 26.23 -35.21
CA MET C 115 5.51 27.25 -35.32
C MET C 115 5.58 28.13 -34.08
N THR C 116 4.50 28.16 -33.32
CA THR C 116 4.42 29.00 -32.13
C THR C 116 5.49 28.56 -31.12
N ASP C 117 5.91 27.31 -31.21
CA ASP C 117 6.88 26.75 -30.30
C ASP C 117 8.32 27.17 -30.66
N TYR C 118 8.47 27.79 -31.84
CA TYR C 118 9.76 28.29 -32.30
C TYR C 118 9.89 29.81 -32.16
N ASP C 119 8.94 30.43 -31.47
CA ASP C 119 8.87 31.89 -31.41
C ASP C 119 10.17 32.50 -30.87
N ASP C 120 10.94 31.71 -30.13
CA ASP C 120 12.17 32.18 -29.49
C ASP C 120 13.39 32.07 -30.39
N VAL C 121 13.23 31.48 -31.58
CA VAL C 121 14.35 31.19 -32.46
C VAL C 121 14.08 31.54 -33.93
N ARG C 122 13.03 32.33 -34.18
CA ARG C 122 12.81 32.87 -35.52
C ARG C 122 12.74 34.39 -35.46
N ARG C 123 13.17 35.04 -36.53
CA ARG C 123 13.28 36.49 -36.61
C ARG C 123 12.35 37.09 -37.66
N CYS C 124 11.95 36.26 -38.61
CA CYS C 124 11.16 36.71 -39.76
C CYS C 124 9.76 37.18 -39.37
N CYS C 125 9.08 36.35 -38.58
CA CYS C 125 7.68 36.57 -38.24
C CYS C 125 7.50 36.56 -36.73
N SER C 126 6.26 36.80 -36.29
CA SER C 126 5.93 36.73 -34.87
C SER C 126 4.51 36.23 -34.67
N SER C 127 4.26 35.66 -33.48
CA SER C 127 2.96 35.12 -33.12
C SER C 127 2.47 34.08 -34.15
N ALA C 128 1.40 34.40 -34.87
CA ALA C 128 0.77 33.45 -35.77
C ALA C 128 1.15 33.75 -37.22
N ASP C 129 1.88 34.84 -37.42
CA ASP C 129 2.37 35.19 -38.75
C ASP C 129 3.49 34.25 -39.16
N ILE C 130 3.52 33.91 -40.45
CA ILE C 130 4.51 33.00 -41.00
C ILE C 130 4.99 33.47 -42.38
N CYS C 131 6.17 33.00 -42.77
CA CYS C 131 6.71 33.31 -44.10
C CYS C 131 7.45 32.10 -44.65
N PRO C 132 7.79 32.14 -45.95
CA PRO C 132 8.55 31.06 -46.59
C PRO C 132 9.93 30.87 -45.95
N LYS C 133 10.45 31.91 -45.31
CA LYS C 133 11.81 31.88 -44.79
C LYS C 133 11.88 31.00 -43.53
N CYS C 134 10.77 30.88 -42.81
CA CYS C 134 10.71 30.06 -41.60
C CYS C 134 10.17 28.67 -41.85
N TRP C 135 9.38 28.52 -42.91
CA TRP C 135 8.69 27.24 -43.18
C TRP C 135 9.67 26.08 -43.31
N THR C 136 10.92 26.38 -43.63
CA THR C 136 11.97 25.37 -43.74
C THR C 136 12.12 24.60 -42.42
N LEU C 137 11.68 25.20 -41.32
CA LEU C 137 11.68 24.55 -40.02
C LEU C 137 10.76 23.35 -40.02
N MET C 138 9.55 23.58 -40.53
CA MET C 138 8.55 22.53 -40.63
C MET C 138 9.09 21.45 -41.57
N THR C 139 9.69 21.89 -42.66
CA THR C 139 10.29 21.01 -43.65
C THR C 139 11.34 20.10 -43.03
N MET C 140 12.31 20.69 -42.33
CA MET C 140 13.38 19.93 -41.70
C MET C 140 12.82 18.97 -40.67
N ALA C 141 11.76 19.39 -39.99
CA ALA C 141 11.19 18.62 -38.90
C ALA C 141 10.62 17.33 -39.46
N ILE C 142 9.97 17.45 -40.61
CA ILE C 142 9.35 16.29 -41.27
C ILE C 142 10.41 15.30 -41.68
N ARG C 143 11.46 15.78 -42.34
CA ARG C 143 12.52 14.91 -42.80
C ARG C 143 13.15 14.19 -41.62
N ILE C 144 13.32 14.93 -40.51
CA ILE C 144 13.92 14.37 -39.30
C ILE C 144 13.03 13.27 -38.74
N ILE C 145 11.73 13.55 -38.68
CA ILE C 145 10.76 12.67 -38.03
C ILE C 145 10.39 11.51 -38.95
N ASP C 146 9.99 11.85 -40.17
CA ASP C 146 9.56 10.86 -41.14
C ASP C 146 10.68 9.83 -41.38
N ARG C 147 11.93 10.28 -41.34
CA ARG C 147 13.07 9.39 -41.50
C ARG C 147 13.15 8.40 -40.35
N ALA C 148 12.95 8.87 -39.13
CA ALA C 148 13.12 8.05 -37.94
C ALA C 148 12.04 6.97 -37.88
N LEU C 149 10.79 7.38 -38.11
CA LEU C 149 9.65 6.47 -38.05
C LEU C 149 9.80 5.36 -39.08
N LYS C 150 10.37 5.70 -40.22
CA LYS C 150 10.55 4.74 -41.31
C LYS C 150 11.74 3.84 -41.03
N GLU C 151 12.84 4.45 -40.60
CA GLU C 151 14.10 3.73 -40.43
C GLU C 151 14.23 3.08 -39.06
N ASP C 152 13.98 3.85 -38.00
CA ASP C 152 14.16 3.38 -36.63
C ASP C 152 12.98 2.56 -36.12
N PHE C 153 11.78 2.90 -36.57
CA PHE C 153 10.55 2.28 -36.09
C PHE C 153 9.89 1.37 -37.13
N GLY C 154 10.38 1.45 -38.37
CA GLY C 154 9.92 0.54 -39.42
C GLY C 154 8.49 0.78 -39.85
N PHE C 155 7.95 1.93 -39.50
CA PHE C 155 6.60 2.30 -39.91
C PHE C 155 6.60 2.62 -41.41
N LYS C 156 5.63 2.05 -42.12
CA LYS C 156 5.61 2.09 -43.59
C LYS C 156 4.54 3.05 -44.11
N HIS C 157 3.49 3.23 -43.32
CA HIS C 157 2.35 4.07 -43.72
C HIS C 157 2.31 5.35 -42.89
N ARG C 158 2.84 6.43 -43.46
CA ARG C 158 2.98 7.70 -42.77
C ARG C 158 2.36 8.83 -43.59
N LEU C 159 1.33 9.47 -43.03
CA LEU C 159 0.63 10.55 -43.70
C LEU C 159 0.83 11.88 -42.98
N TRP C 160 1.42 12.84 -43.68
CA TRP C 160 1.62 14.19 -43.15
C TRP C 160 0.60 15.14 -43.77
N VAL C 161 0.06 16.05 -42.96
CA VAL C 161 -0.99 16.96 -43.44
C VAL C 161 -0.82 18.37 -42.88
N TYR C 162 -0.92 19.36 -43.76
CA TYR C 162 -0.84 20.77 -43.38
C TYR C 162 -2.00 21.13 -42.46
N SER C 163 -1.71 21.89 -41.40
CA SER C 163 -2.70 22.22 -40.38
C SER C 163 -3.71 23.27 -40.85
N GLY C 164 -3.35 24.01 -41.89
CA GLY C 164 -4.18 25.07 -42.40
C GLY C 164 -3.60 26.45 -42.12
N ARG C 165 -2.58 26.50 -41.26
CA ARG C 165 -1.97 27.77 -40.90
C ARG C 165 -0.57 27.63 -40.32
N ARG C 166 -0.49 27.30 -39.04
CA ARG C 166 0.72 27.48 -38.26
C ARG C 166 1.67 26.28 -38.30
N GLY C 167 1.26 25.18 -38.91
CA GLY C 167 2.09 23.99 -38.95
C GLY C 167 1.53 22.80 -39.68
N VAL C 168 1.91 21.61 -39.21
CA VAL C 168 1.63 20.36 -39.91
C VAL C 168 1.30 19.24 -38.92
N HIS C 169 0.46 18.31 -39.37
CA HIS C 169 0.09 17.13 -38.60
C HIS C 169 0.62 15.87 -39.27
N CYS C 170 0.73 14.78 -38.52
CA CYS C 170 1.11 13.49 -39.07
C CYS C 170 0.19 12.41 -38.54
N TRP C 171 -0.27 11.53 -39.41
CA TRP C 171 -1.12 10.41 -39.02
C TRP C 171 -0.44 9.09 -39.42
N VAL C 172 -0.11 8.26 -38.43
CA VAL C 172 0.51 6.97 -38.67
C VAL C 172 -0.54 5.85 -38.46
N CYS C 173 -0.79 5.09 -39.52
CA CYS C 173 -1.94 4.19 -39.57
C CYS C 173 -1.55 2.71 -39.73
N ASP C 174 -0.28 2.40 -39.53
CA ASP C 174 0.16 0.99 -39.55
C ASP C 174 -0.65 0.19 -38.53
N GLU C 175 -0.94 -1.06 -38.86
CA GLU C 175 -1.74 -1.91 -37.99
C GLU C 175 -1.18 -1.97 -36.58
N SER C 176 0.10 -2.31 -36.46
CA SER C 176 0.75 -2.45 -35.16
C SER C 176 0.76 -1.13 -34.39
N VAL C 177 0.70 -0.02 -35.12
CA VAL C 177 0.78 1.31 -34.52
C VAL C 177 -0.52 1.68 -33.81
N ARG C 178 -1.65 1.41 -34.46
CA ARG C 178 -2.95 1.83 -33.94
C ARG C 178 -3.28 1.17 -32.61
N LYS C 179 -2.53 0.13 -32.27
CA LYS C 179 -2.78 -0.66 -31.07
C LYS C 179 -1.80 -0.32 -29.94
N LEU C 180 -0.92 0.64 -30.19
CA LEU C 180 0.13 0.98 -29.25
C LEU C 180 -0.41 1.67 -28.00
N SER C 181 0.16 1.32 -26.85
CA SER C 181 -0.27 1.88 -25.58
C SER C 181 0.20 3.32 -25.41
N SER C 182 -0.37 4.01 -24.43
CA SER C 182 -0.05 5.41 -24.17
C SER C 182 1.40 5.59 -23.70
N ALA C 183 1.92 4.59 -22.99
CA ALA C 183 3.26 4.67 -22.43
C ALA C 183 4.30 4.60 -23.55
N VAL C 184 4.04 3.74 -24.52
CA VAL C 184 4.90 3.61 -25.69
C VAL C 184 4.87 4.91 -26.49
N ARG C 185 3.68 5.46 -26.65
CA ARG C 185 3.51 6.70 -27.38
C ARG C 185 4.36 7.78 -26.73
N SER C 186 4.31 7.84 -25.40
CA SER C 186 5.08 8.82 -24.63
C SER C 186 6.58 8.58 -24.73
N GLY C 187 6.97 7.32 -24.83
CA GLY C 187 8.38 6.96 -24.84
C GLY C 187 9.05 7.42 -26.12
N ILE C 188 8.32 7.36 -27.22
CA ILE C 188 8.84 7.76 -28.53
C ILE C 188 9.01 9.28 -28.58
N VAL C 189 8.12 10.00 -27.92
CA VAL C 189 8.20 11.45 -27.87
C VAL C 189 9.54 11.83 -27.23
N GLU C 190 9.88 11.14 -26.15
CA GLU C 190 11.13 11.37 -25.43
C GLU C 190 12.31 11.01 -26.33
N TYR C 191 12.12 9.96 -27.13
CA TYR C 191 13.14 9.48 -28.05
C TYR C 191 13.45 10.53 -29.12
N LEU C 192 12.41 11.28 -29.50
CA LEU C 192 12.51 12.27 -30.57
C LEU C 192 12.81 13.66 -30.06
N SER C 193 12.59 13.90 -28.77
CA SER C 193 12.67 15.26 -28.23
C SER C 193 14.07 15.59 -27.72
N LEU C 194 14.59 16.74 -28.16
CA LEU C 194 15.89 17.25 -27.75
C LEU C 194 15.76 18.66 -27.20
N VAL C 195 14.79 19.41 -27.71
CA VAL C 195 14.58 20.77 -27.24
C VAL C 195 13.81 20.74 -25.92
N LYS C 196 14.55 20.85 -24.81
CA LYS C 196 13.96 20.80 -23.48
C LYS C 196 14.18 22.10 -22.72
N GLY C 197 13.08 22.72 -22.28
CA GLY C 197 13.14 23.96 -21.53
C GLY C 197 12.04 24.92 -21.96
N GLY C 198 11.77 25.90 -21.12
CA GLY C 198 10.73 26.90 -21.38
C GLY C 198 11.32 28.24 -21.80
N GLN C 199 11.42 29.15 -20.84
CA GLN C 199 11.99 30.47 -21.10
C GLN C 199 13.07 30.80 -20.06
N ASP C 200 12.89 30.29 -18.85
CA ASP C 200 13.89 30.42 -17.80
C ASP C 200 15.20 29.82 -18.30
N VAL C 201 15.08 28.77 -19.11
CA VAL C 201 16.24 28.10 -19.68
C VAL C 201 16.53 28.69 -21.05
N LYS C 202 17.74 29.21 -21.23
CA LYS C 202 18.15 29.80 -22.51
C LYS C 202 18.76 28.73 -23.41
N LYS C 203 19.59 27.86 -22.83
CA LYS C 203 20.16 26.75 -23.58
C LYS C 203 19.32 25.51 -23.33
N LYS C 204 18.64 25.06 -24.38
CA LYS C 204 17.65 24.01 -24.28
C LYS C 204 18.19 22.66 -24.77
N VAL C 205 19.48 22.63 -25.11
CA VAL C 205 20.09 21.40 -25.63
C VAL C 205 21.48 21.19 -25.06
N HIS C 206 21.72 20.01 -24.51
CA HIS C 206 23.04 19.60 -24.04
C HIS C 206 23.33 18.19 -24.54
N LEU C 207 24.47 18.03 -25.18
CA LEU C 207 24.87 16.75 -25.75
C LEU C 207 26.10 16.18 -25.06
N SER C 208 26.07 14.87 -24.85
CA SER C 208 27.23 14.18 -24.30
C SER C 208 28.29 14.04 -25.37
N GLU C 209 29.44 13.50 -25.00
CA GLU C 209 30.53 13.29 -25.94
C GLU C 209 30.10 12.28 -27.01
N LYS C 210 29.26 11.34 -26.61
CA LYS C 210 28.80 10.28 -27.49
C LYS C 210 27.40 10.59 -28.02
N ILE C 211 27.28 10.66 -29.34
CA ILE C 211 26.05 11.10 -29.99
C ILE C 211 25.23 9.91 -30.48
N HIS C 212 23.99 9.82 -30.02
CA HIS C 212 23.07 8.78 -30.48
C HIS C 212 22.77 8.97 -31.98
N PRO C 213 22.86 7.88 -32.77
CA PRO C 213 22.69 7.95 -34.23
C PRO C 213 21.49 8.76 -34.70
N PHE C 214 20.34 8.57 -34.05
CA PHE C 214 19.13 9.32 -34.37
C PHE C 214 19.42 10.82 -34.45
N ILE C 215 20.31 11.28 -33.57
CA ILE C 215 20.72 12.67 -33.57
C ILE C 215 21.66 12.91 -34.75
N ARG C 216 22.65 12.04 -34.88
CA ARG C 216 23.64 12.15 -35.95
C ARG C 216 22.96 12.27 -37.31
N LYS C 217 22.01 11.38 -37.58
CA LYS C 217 21.30 11.38 -38.86
C LYS C 217 20.46 12.64 -39.01
N SER C 218 19.89 13.11 -37.90
CA SER C 218 19.04 14.30 -37.92
C SER C 218 19.88 15.54 -38.18
N ILE C 219 21.09 15.55 -37.65
CA ILE C 219 22.02 16.65 -37.87
C ILE C 219 22.34 16.76 -39.36
N ASN C 220 22.75 15.64 -39.96
CA ASN C 220 23.14 15.61 -41.36
C ASN C 220 22.02 16.11 -42.28
N ILE C 221 20.78 15.98 -41.82
CA ILE C 221 19.64 16.56 -42.53
C ILE C 221 19.66 18.07 -42.38
N ILE C 222 19.86 18.54 -41.15
CA ILE C 222 19.83 19.97 -40.85
C ILE C 222 20.97 20.70 -41.56
N LYS C 223 22.12 20.04 -41.67
CA LYS C 223 23.28 20.59 -42.35
C LYS C 223 22.93 21.08 -43.76
N LYS C 224 22.07 20.32 -44.44
CA LYS C 224 21.71 20.58 -45.83
C LYS C 224 20.80 21.80 -45.99
N TYR C 225 20.22 22.26 -44.89
CA TYR C 225 19.27 23.38 -44.90
C TYR C 225 19.75 24.58 -44.11
N PHE C 226 20.74 24.36 -43.25
CA PHE C 226 21.12 25.35 -42.24
C PHE C 226 21.53 26.70 -42.82
N GLU C 227 22.46 26.68 -43.78
CA GLU C 227 23.05 27.89 -44.31
C GLU C 227 22.01 28.85 -44.89
N GLU C 228 21.19 28.37 -45.80
CA GLU C 228 20.22 29.22 -46.48
C GLU C 228 19.12 29.67 -45.52
N TYR C 229 18.76 28.81 -44.58
CA TYR C 229 17.70 29.15 -43.63
C TYR C 229 18.21 30.05 -42.50
N ALA C 230 19.23 29.57 -41.80
CA ALA C 230 19.65 30.18 -40.54
C ALA C 230 20.51 31.42 -40.76
N LEU C 231 21.44 31.32 -41.70
CA LEU C 231 22.48 32.33 -41.89
C LEU C 231 22.11 33.35 -42.97
N VAL C 232 21.22 32.95 -43.88
CA VAL C 232 20.82 33.82 -44.98
C VAL C 232 19.42 34.38 -44.73
N ASN C 233 18.42 33.50 -44.75
CA ASN C 233 17.02 33.92 -44.64
C ASN C 233 16.71 34.51 -43.27
N GLN C 234 17.24 33.88 -42.22
CA GLN C 234 17.01 34.35 -40.86
C GLN C 234 18.09 35.33 -40.41
N ASP C 235 19.34 35.06 -40.78
CA ASP C 235 20.46 35.94 -40.45
C ASP C 235 20.59 36.07 -38.93
N ILE C 236 20.74 34.94 -38.26
CA ILE C 236 20.79 34.88 -36.81
C ILE C 236 22.05 35.53 -36.22
N LEU C 237 22.97 35.96 -37.10
CA LEU C 237 24.19 36.65 -36.66
C LEU C 237 24.29 38.01 -37.34
N GLU C 238 23.13 38.58 -37.65
CA GLU C 238 23.04 39.91 -38.24
C GLU C 238 23.75 40.93 -37.35
N ASN C 239 23.42 40.90 -36.06
CA ASN C 239 23.92 41.89 -35.12
C ASN C 239 24.25 41.29 -33.75
N LYS C 240 24.61 42.16 -32.80
CA LYS C 240 24.95 41.74 -31.46
C LYS C 240 23.72 41.27 -30.69
N GLU C 241 22.62 41.98 -30.87
CA GLU C 241 21.36 41.62 -30.24
C GLU C 241 21.00 40.18 -30.58
N SER C 242 21.40 39.76 -31.78
CA SER C 242 21.08 38.44 -32.28
C SER C 242 22.13 37.40 -31.86
N TRP C 243 23.41 37.75 -31.98
CA TRP C 243 24.48 36.76 -31.76
C TRP C 243 24.81 36.58 -30.28
N ASP C 244 24.34 37.50 -29.44
CA ASP C 244 24.47 37.33 -27.99
C ASP C 244 23.65 36.13 -27.55
N LYS C 245 22.49 35.96 -28.18
CA LYS C 245 21.59 34.83 -27.90
C LYS C 245 22.35 33.52 -28.10
N ILE C 246 23.27 33.54 -29.05
CA ILE C 246 24.11 32.38 -29.35
C ILE C 246 25.15 32.22 -28.25
N LEU C 247 25.72 33.35 -27.83
CA LEU C 247 26.74 33.36 -26.80
C LEU C 247 26.17 32.80 -25.49
N ALA C 248 24.84 32.89 -25.35
CA ALA C 248 24.17 32.33 -24.17
C ALA C 248 24.22 30.80 -24.20
N LEU C 249 24.55 30.24 -25.35
CA LEU C 249 24.55 28.80 -25.57
C LEU C 249 25.96 28.22 -25.52
N VAL C 250 26.92 29.02 -25.08
CA VAL C 250 28.31 28.59 -25.05
C VAL C 250 29.00 28.98 -23.75
N PRO C 251 30.17 28.37 -23.46
CA PRO C 251 30.92 28.73 -22.26
C PRO C 251 31.37 30.20 -22.26
N GLU C 252 31.46 30.81 -21.08
CA GLU C 252 31.82 32.22 -20.96
C GLU C 252 33.25 32.45 -21.45
N THR C 253 34.07 31.41 -21.39
CA THR C 253 35.51 31.54 -21.64
C THR C 253 35.84 31.92 -23.09
N ILE C 254 34.83 32.01 -23.95
CA ILE C 254 35.06 32.30 -25.36
C ILE C 254 34.16 33.44 -25.87
N HIS C 255 33.37 34.03 -24.98
CA HIS C 255 32.47 35.12 -25.37
C HIS C 255 33.24 36.28 -25.98
N ASP C 256 34.34 36.66 -25.32
CA ASP C 256 35.14 37.80 -25.74
C ASP C 256 35.79 37.52 -27.09
N GLU C 257 36.39 36.34 -27.21
CA GLU C 257 37.08 35.94 -28.44
C GLU C 257 36.14 35.99 -29.63
N LEU C 258 34.96 35.41 -29.49
CA LEU C 258 33.97 35.39 -30.56
C LEU C 258 33.39 36.78 -30.77
N GLN C 259 33.24 37.53 -29.69
CA GLN C 259 32.69 38.89 -29.78
C GLN C 259 33.52 39.71 -30.75
N GLN C 260 34.83 39.56 -30.68
CA GLN C 260 35.76 40.28 -31.55
C GLN C 260 35.61 39.81 -33.00
N SER C 261 35.66 38.50 -33.20
CA SER C 261 35.60 37.93 -34.54
C SER C 261 34.29 38.30 -35.23
N PHE C 262 33.23 38.46 -34.43
CA PHE C 262 31.93 38.87 -34.97
C PHE C 262 31.98 40.33 -35.43
N GLN C 263 32.66 41.15 -34.63
CA GLN C 263 32.78 42.58 -34.92
C GLN C 263 33.70 42.81 -36.12
N LYS C 264 34.70 41.94 -36.26
CA LYS C 264 35.63 42.01 -37.37
C LYS C 264 35.00 41.44 -38.66
N SER C 265 33.92 40.67 -38.49
CA SER C 265 33.25 40.02 -39.61
C SER C 265 32.19 40.90 -40.26
N HIS C 266 31.72 40.49 -41.43
CA HIS C 266 30.81 41.28 -42.24
C HIS C 266 29.41 40.68 -42.30
N ASN C 267 29.35 39.36 -42.50
CA ASN C 267 28.06 38.66 -42.60
C ASN C 267 27.99 37.45 -41.65
N SER C 268 26.79 36.88 -41.53
CA SER C 268 26.56 35.76 -40.61
C SER C 268 27.36 34.52 -41.00
N LEU C 269 27.60 34.35 -42.30
CA LEU C 269 28.31 33.17 -42.80
C LEU C 269 29.75 33.15 -42.31
N GLN C 270 30.39 34.31 -42.36
CA GLN C 270 31.75 34.46 -41.86
C GLN C 270 31.78 34.19 -40.36
N ARG C 271 30.79 34.73 -39.65
CA ARG C 271 30.74 34.65 -38.19
C ARG C 271 30.50 33.21 -37.76
N TRP C 272 29.62 32.51 -38.49
CA TRP C 272 29.31 31.12 -38.17
C TRP C 272 30.54 30.26 -38.43
N GLU C 273 31.33 30.64 -39.43
CA GLU C 273 32.55 29.92 -39.78
C GLU C 273 33.60 30.11 -38.70
N HIS C 274 33.61 31.30 -38.11
CA HIS C 274 34.52 31.61 -37.00
C HIS C 274 34.19 30.72 -35.83
N LEU C 275 32.91 30.68 -35.48
CA LEU C 275 32.42 29.90 -34.36
C LEU C 275 32.90 28.45 -34.45
N LYS C 276 32.81 27.89 -35.65
CA LYS C 276 33.20 26.50 -35.90
C LYS C 276 34.67 26.28 -35.59
N LYS C 277 35.52 27.21 -36.05
CA LYS C 277 36.96 27.11 -35.86
C LYS C 277 37.32 27.19 -34.38
N VAL C 278 36.72 28.15 -33.69
CA VAL C 278 36.95 28.33 -32.26
C VAL C 278 36.50 27.09 -31.51
N ALA C 279 35.34 26.57 -31.90
CA ALA C 279 34.75 25.39 -31.27
C ALA C 279 35.62 24.16 -31.53
N SER C 280 36.04 24.00 -32.79
CA SER C 280 36.89 22.87 -33.17
C SER C 280 38.20 22.90 -32.39
N ARG C 281 38.73 24.11 -32.22
CA ARG C 281 39.97 24.30 -31.46
C ARG C 281 39.73 24.01 -29.99
N TYR C 282 38.51 24.28 -29.54
CA TYR C 282 38.14 24.09 -28.14
C TYR C 282 38.02 22.60 -27.80
N GLN C 283 37.73 21.79 -28.80
CA GLN C 283 37.61 20.35 -28.61
C GLN C 283 38.98 19.73 -28.39
N ASN C 284 39.96 20.24 -29.14
CA ASN C 284 41.31 19.71 -29.10
C ASN C 284 41.93 19.90 -27.72
N ASN C 285 41.60 21.04 -27.10
CA ASN C 285 42.13 21.41 -25.79
C ASN C 285 41.69 20.43 -24.70
N PRO C 293 31.15 20.55 -25.66
CA PRO C 293 32.10 20.16 -26.70
C PRO C 293 31.57 20.38 -28.11
N TRP C 294 30.47 19.71 -28.44
CA TRP C 294 29.86 19.80 -29.77
C TRP C 294 29.03 21.08 -29.92
N LEU C 295 29.63 22.22 -29.58
CA LEU C 295 28.89 23.48 -29.52
C LEU C 295 28.21 23.81 -30.83
N GLU C 296 28.82 23.41 -31.94
CA GLU C 296 28.27 23.71 -33.25
C GLU C 296 26.89 23.08 -33.40
N TRP C 297 26.80 21.80 -33.07
CA TRP C 297 25.60 21.01 -33.33
C TRP C 297 24.46 21.36 -32.36
N GLU C 298 24.83 21.67 -31.12
CA GLU C 298 23.85 22.02 -30.11
C GLU C 298 23.07 23.27 -30.54
N ILE C 299 23.74 24.15 -31.26
CA ILE C 299 23.17 25.42 -31.71
C ILE C 299 22.26 25.22 -32.91
N MET C 300 22.73 24.42 -33.86
CA MET C 300 21.95 24.09 -35.06
C MET C 300 20.64 23.45 -34.63
N LEU C 301 20.75 22.51 -33.69
CA LEU C 301 19.63 21.76 -33.16
C LEU C 301 18.63 22.66 -32.45
N GLN C 302 19.14 23.50 -31.55
CA GLN C 302 18.29 24.37 -30.77
C GLN C 302 17.47 25.29 -31.68
N TYR C 303 18.00 25.57 -32.86
CA TYR C 303 17.37 26.51 -33.78
C TYR C 303 16.54 25.82 -34.87
N CYS C 304 16.84 24.56 -35.12
CA CYS C 304 16.28 23.85 -36.27
C CYS C 304 15.60 22.54 -35.90
N PHE C 305 16.01 21.94 -34.78
CA PHE C 305 15.42 20.67 -34.38
C PHE C 305 13.98 20.89 -33.92
N PRO C 306 13.07 19.93 -34.19
CA PRO C 306 11.67 20.16 -33.85
C PRO C 306 11.34 20.17 -32.36
N ARG C 307 10.36 21.00 -32.00
CA ARG C 307 9.79 21.04 -30.65
C ARG C 307 8.46 20.30 -30.67
N LEU C 308 8.23 19.49 -29.64
CA LEU C 308 7.06 18.63 -29.59
C LEU C 308 6.25 18.83 -28.33
N ASP C 309 4.97 19.14 -28.50
CA ASP C 309 4.04 19.13 -27.39
C ASP C 309 3.61 17.69 -27.22
N ILE C 310 4.03 17.09 -26.12
CA ILE C 310 3.79 15.67 -25.86
C ILE C 310 2.30 15.33 -25.72
N ASN C 311 1.53 16.28 -25.19
CA ASN C 311 0.12 16.06 -24.85
C ASN C 311 -0.72 15.54 -26.01
N VAL C 312 -0.44 16.01 -27.22
CA VAL C 312 -1.24 15.66 -28.39
C VAL C 312 -1.10 14.19 -28.74
N SER C 313 0.09 13.63 -28.55
CA SER C 313 0.38 12.25 -28.92
C SER C 313 0.33 11.33 -27.71
N LYS C 314 0.37 11.93 -26.52
CA LYS C 314 0.36 11.18 -25.27
C LYS C 314 -1.00 10.49 -25.12
N GLY C 315 -2.06 11.29 -25.14
CA GLY C 315 -3.40 10.80 -24.90
C GLY C 315 -4.01 10.09 -26.09
N ILE C 316 -4.59 8.92 -25.83
CA ILE C 316 -5.31 8.15 -26.85
C ILE C 316 -6.68 8.77 -27.12
N ASN C 317 -7.17 9.55 -26.17
CA ASN C 317 -8.50 10.13 -26.28
C ASN C 317 -8.50 11.55 -26.86
N HIS C 318 -7.48 11.88 -27.66
CA HIS C 318 -7.36 13.24 -28.18
C HIS C 318 -8.13 13.45 -29.48
N LEU C 319 -8.86 14.57 -29.52
CA LEU C 319 -9.58 14.98 -30.72
C LEU C 319 -8.71 15.94 -31.50
N LEU C 320 -8.28 15.50 -32.69
CA LEU C 320 -7.40 16.31 -33.52
C LEU C 320 -8.09 16.70 -34.83
N LYS C 321 -7.81 17.92 -35.29
CA LYS C 321 -8.41 18.46 -36.50
C LYS C 321 -8.36 17.47 -37.67
N SER C 322 -9.51 17.28 -38.30
CA SER C 322 -9.65 16.31 -39.39
C SER C 322 -8.98 16.81 -40.66
N PRO C 323 -8.36 15.89 -41.43
CA PRO C 323 -7.84 16.28 -42.75
C PRO C 323 -8.94 16.82 -43.66
N PHE C 324 -8.55 17.60 -44.66
CA PHE C 324 -9.51 18.21 -45.59
C PHE C 324 -10.51 19.11 -44.86
N SER C 325 -10.24 19.42 -43.59
CA SER C 325 -11.05 20.38 -42.85
C SER C 325 -10.65 21.77 -43.31
N VAL C 326 -11.40 22.76 -42.86
CA VAL C 326 -11.21 24.13 -43.29
C VAL C 326 -10.83 25.02 -42.11
N HIS C 327 -9.79 25.81 -42.28
CA HIS C 327 -9.35 26.70 -41.23
C HIS C 327 -10.28 27.92 -41.20
N PRO C 328 -11.07 28.08 -40.12
CA PRO C 328 -12.13 29.10 -40.07
C PRO C 328 -11.67 30.53 -40.36
N LYS C 329 -10.37 30.78 -40.41
CA LYS C 329 -9.83 32.12 -40.60
C LYS C 329 -9.09 32.26 -41.93
N THR C 330 -8.22 31.31 -42.24
CA THR C 330 -7.43 31.37 -43.47
C THR C 330 -8.25 30.85 -44.65
N GLY C 331 -9.16 29.93 -44.38
CA GLY C 331 -9.94 29.29 -45.43
C GLY C 331 -9.15 28.19 -46.11
N ARG C 332 -7.91 27.99 -45.66
CA ARG C 332 -7.04 26.97 -46.24
C ARG C 332 -7.55 25.56 -45.88
N ILE C 333 -7.14 24.59 -46.69
CA ILE C 333 -7.57 23.21 -46.53
C ILE C 333 -6.47 22.38 -45.88
N SER C 334 -6.86 21.44 -45.02
CA SER C 334 -5.93 20.46 -44.47
C SER C 334 -5.57 19.44 -45.55
N VAL C 335 -4.61 19.79 -46.41
CA VAL C 335 -4.31 18.99 -47.60
C VAL C 335 -3.15 18.00 -47.37
N PRO C 336 -3.19 16.84 -48.05
CA PRO C 336 -2.07 15.89 -47.99
C PRO C 336 -0.80 16.45 -48.64
N ILE C 337 0.35 15.88 -48.29
CA ILE C 337 1.65 16.36 -48.75
C ILE C 337 2.50 15.21 -49.29
N ASP C 338 3.20 15.47 -50.38
CA ASP C 338 4.10 14.48 -50.97
C ASP C 338 5.48 14.58 -50.33
N LEU C 339 5.85 13.53 -49.59
CA LEU C 339 7.16 13.45 -48.95
C LEU C 339 8.28 13.52 -49.97
N GLN C 340 7.99 13.06 -51.19
CA GLN C 340 8.99 13.03 -52.26
C GLN C 340 9.21 14.41 -52.86
N LYS C 341 8.20 15.27 -52.74
CA LYS C 341 8.25 16.63 -53.25
C LYS C 341 8.00 17.63 -52.11
N VAL C 342 8.60 17.34 -50.96
CA VAL C 342 8.41 18.15 -49.75
C VAL C 342 9.09 19.52 -49.86
N ASP C 343 10.31 19.55 -50.39
CA ASP C 343 11.08 20.78 -50.48
C ASP C 343 10.41 21.78 -51.41
N GLN C 344 9.54 21.28 -52.28
CA GLN C 344 8.86 22.09 -53.28
C GLN C 344 7.50 22.54 -52.78
N PHE C 345 7.09 22.00 -51.62
CA PHE C 345 5.80 22.35 -51.04
C PHE C 345 5.75 23.83 -50.68
N ASP C 346 4.59 24.44 -50.88
CA ASP C 346 4.39 25.85 -50.59
C ASP C 346 2.99 26.02 -49.97
N PRO C 347 2.94 26.35 -48.67
CA PRO C 347 1.65 26.44 -47.96
C PRO C 347 0.79 27.61 -48.40
N PHE C 348 1.38 28.52 -49.18
CA PHE C 348 0.67 29.70 -49.67
C PHE C 348 -0.01 29.39 -51.00
N THR C 349 0.44 28.32 -51.65
CA THR C 349 -0.14 27.87 -52.90
C THR C 349 -1.22 26.82 -52.61
N VAL C 350 -1.59 26.71 -51.35
CA VAL C 350 -2.63 25.79 -50.92
C VAL C 350 -4.00 26.30 -51.35
N PRO C 351 -4.79 25.43 -52.02
CA PRO C 351 -6.13 25.86 -52.46
C PRO C 351 -7.02 26.30 -51.30
N THR C 352 -7.66 27.45 -51.44
CA THR C 352 -8.65 27.91 -50.49
C THR C 352 -10.02 27.39 -50.89
N ILE C 353 -10.93 27.31 -49.92
CA ILE C 353 -12.28 26.85 -50.19
C ILE C 353 -12.97 27.78 -51.19
N SER C 354 -12.63 29.06 -51.11
CA SER C 354 -13.20 30.06 -52.00
C SER C 354 -12.75 29.83 -53.44
N PHE C 355 -11.57 29.23 -53.59
CA PHE C 355 -10.95 29.07 -54.90
C PHE C 355 -11.51 27.87 -55.66
N ILE C 356 -11.75 26.77 -54.94
CA ILE C 356 -12.17 25.51 -55.55
C ILE C 356 -13.68 25.47 -55.78
N CYS C 357 -14.43 26.27 -55.02
CA CYS C 357 -15.86 26.39 -55.23
C CYS C 357 -16.09 27.16 -56.53
N ARG C 358 -15.18 28.09 -56.80
CA ARG C 358 -15.15 28.81 -58.06
C ARG C 358 -14.98 27.86 -59.24
N GLU C 359 -13.99 26.99 -59.12
CA GLU C 359 -13.65 26.03 -60.17
C GLU C 359 -14.80 25.06 -60.46
N LEU C 360 -15.56 24.71 -59.44
CA LEU C 360 -16.65 23.75 -59.59
C LEU C 360 -17.79 24.35 -60.41
N ASP C 361 -18.01 25.65 -60.24
CA ASP C 361 -19.07 26.35 -60.95
C ASP C 361 -18.56 26.87 -62.29
N ALA C 362 -17.53 26.22 -62.83
CA ALA C 362 -16.93 26.60 -64.11
C ALA C 362 -16.86 25.40 -65.04
N THR C 389 -10.94 20.80 -60.19
CA THR C 389 -10.54 21.88 -59.29
C THR C 389 -9.05 21.81 -58.98
N SER C 390 -8.56 22.81 -58.27
CA SER C 390 -7.15 22.85 -57.85
C SER C 390 -6.90 21.86 -56.72
N LEU C 391 -7.98 21.25 -56.23
CA LEU C 391 -7.89 20.28 -55.14
C LEU C 391 -7.40 18.92 -55.65
N ALA C 392 -7.53 18.72 -56.96
CA ALA C 392 -7.28 17.41 -57.58
C ALA C 392 -5.91 16.80 -57.25
N PRO C 393 -4.81 17.51 -57.53
CA PRO C 393 -3.48 16.89 -57.39
C PRO C 393 -3.17 16.36 -56.00
N TYR C 394 -3.77 16.97 -54.98
CA TYR C 394 -3.51 16.59 -53.60
C TYR C 394 -4.26 15.32 -53.21
N VAL C 395 -5.44 15.13 -53.78
CA VAL C 395 -6.24 13.94 -53.52
C VAL C 395 -5.55 12.71 -54.10
N LYS C 396 -4.83 12.90 -55.20
CA LYS C 396 -4.13 11.81 -55.87
C LYS C 396 -3.09 11.21 -54.93
N VAL C 397 -2.44 12.10 -54.17
CA VAL C 397 -1.41 11.70 -53.22
C VAL C 397 -2.04 10.86 -52.11
N PHE C 398 -3.24 11.26 -51.69
CA PHE C 398 -3.95 10.56 -50.63
C PHE C 398 -4.37 9.16 -51.07
N GLU C 399 -4.64 9.01 -52.36
CA GLU C 399 -5.04 7.73 -52.92
C GLU C 399 -3.82 6.83 -53.06
N HIS C 400 -2.69 7.42 -53.44
CA HIS C 400 -1.43 6.70 -53.54
C HIS C 400 -1.08 6.11 -52.18
N PHE C 401 -1.42 6.86 -51.12
CA PHE C 401 -1.25 6.40 -49.76
C PHE C 401 -2.19 5.23 -49.46
N LEU C 402 -3.43 5.34 -49.92
CA LEU C 402 -4.44 4.31 -49.71
C LEU C 402 -4.08 3.02 -50.46
N GLU C 403 -3.46 3.17 -51.62
CA GLU C 403 -3.14 2.02 -52.46
C GLU C 403 -2.08 1.15 -51.82
N ASN C 404 -1.00 1.78 -51.35
CA ASN C 404 0.06 1.07 -50.65
C ASN C 404 -0.43 0.50 -49.33
N LEU C 405 -1.51 1.08 -48.81
CA LEU C 405 -2.07 0.64 -47.53
C LEU C 405 -2.82 -0.67 -47.70
N ASP C 406 -3.48 -0.83 -48.85
CA ASP C 406 -4.21 -2.05 -49.16
C ASP C 406 -3.23 -3.21 -49.35
N LYS C 407 -2.18 -2.96 -50.13
CA LYS C 407 -1.19 -3.99 -50.43
C LYS C 407 -0.56 -4.56 -49.16
N SER C 408 -0.26 -3.67 -48.21
CA SER C 408 0.31 -4.09 -46.93
C SER C 408 -0.69 -4.91 -46.14
N ARG C 409 -1.94 -4.45 -46.17
CA ARG C 409 -3.03 -5.12 -45.47
C ARG C 409 -3.24 -6.51 -46.07
N LYS C 410 -3.00 -6.60 -47.38
CA LYS C 410 -3.17 -7.84 -48.13
C LYS C 410 -1.92 -8.70 -47.97
N GLY C 411 -0.84 -8.28 -48.63
CA GLY C 411 0.40 -9.03 -48.63
C GLY C 411 1.28 -8.69 -47.43
N GLY D 2 2.99 -35.93 8.67
CA GLY D 2 2.21 -35.26 7.58
C GLY D 2 0.70 -35.39 7.83
N TYR D 3 0.33 -35.45 9.10
CA TYR D 3 -1.08 -35.61 9.49
C TYR D 3 -1.96 -34.50 8.92
N SER D 4 -1.53 -33.25 9.12
CA SER D 4 -2.25 -32.10 8.58
C SER D 4 -1.93 -31.94 7.09
N GLU D 5 -2.92 -31.51 6.32
CA GLU D 5 -2.79 -31.42 4.86
C GLU D 5 -3.26 -30.06 4.34
N VAL D 6 -2.75 -29.68 3.17
CA VAL D 6 -3.07 -28.37 2.59
C VAL D 6 -3.13 -28.44 1.07
N ASN D 7 -4.28 -28.10 0.51
CA ASN D 7 -4.47 -28.14 -0.94
C ASN D 7 -4.08 -26.82 -1.59
N LEU D 8 -2.99 -26.84 -2.34
CA LEU D 8 -2.50 -25.65 -3.05
C LEU D 8 -3.34 -25.34 -4.28
N SER D 9 -3.66 -26.39 -5.04
CA SER D 9 -4.43 -26.24 -6.27
C SER D 9 -5.75 -25.52 -6.00
N LYS D 10 -6.44 -25.92 -4.93
CA LYS D 10 -7.66 -25.26 -4.51
C LYS D 10 -7.37 -23.85 -4.01
N LEU D 11 -6.24 -23.73 -3.32
CA LEU D 11 -5.84 -22.46 -2.73
C LEU D 11 -5.51 -21.42 -3.80
N PHE D 12 -5.13 -21.89 -4.98
CA PHE D 12 -4.71 -21.02 -6.07
C PHE D 12 -5.62 -21.20 -7.29
N LEU D 42 16.01 -20.07 -10.63
CA LEU D 42 15.45 -18.82 -11.11
C LEU D 42 14.12 -19.06 -11.84
N GLN D 43 13.06 -18.43 -11.36
CA GLN D 43 11.75 -18.51 -12.00
C GLN D 43 10.94 -17.23 -11.77
N PHE D 44 10.00 -16.96 -12.67
CA PHE D 44 9.12 -15.80 -12.53
C PHE D 44 7.91 -16.12 -11.66
N TYR D 45 7.80 -17.36 -11.22
CA TYR D 45 6.69 -17.77 -10.37
C TYR D 45 5.36 -17.46 -11.05
N LEU D 46 5.22 -17.93 -12.29
CA LEU D 46 4.04 -17.63 -13.09
C LEU D 46 2.86 -18.51 -12.72
N GLN D 47 3.05 -19.82 -12.85
CA GLN D 47 1.98 -20.78 -12.61
C GLN D 47 1.98 -21.26 -11.16
N PRO D 48 0.79 -21.33 -10.53
CA PRO D 48 0.71 -21.89 -9.18
C PRO D 48 1.12 -23.37 -9.11
N PRO D 49 1.52 -23.86 -7.92
CA PRO D 49 1.76 -25.30 -7.74
C PRO D 49 0.48 -26.06 -7.45
N SER D 50 0.18 -27.07 -8.25
CA SER D 50 -0.95 -27.96 -8.00
C SER D 50 -0.44 -29.13 -7.16
N GLU D 51 -0.54 -29.01 -5.84
CA GLU D 51 0.00 -30.04 -4.97
C GLU D 51 -0.69 -30.04 -3.61
N ASN D 52 -0.68 -31.21 -2.98
CA ASN D 52 -1.11 -31.34 -1.60
C ASN D 52 0.14 -31.42 -0.73
N ILE D 53 0.18 -30.63 0.33
CA ILE D 53 1.34 -30.58 1.21
C ILE D 53 0.91 -30.47 2.66
N SER D 54 1.85 -30.77 3.56
CA SER D 54 1.55 -30.72 4.98
C SER D 54 1.52 -29.28 5.45
N LEU D 55 0.71 -29.02 6.47
CA LEU D 55 0.63 -27.69 7.08
C LEU D 55 1.97 -27.33 7.71
N ILE D 56 2.70 -28.36 8.15
CA ILE D 56 4.00 -28.17 8.77
C ILE D 56 5.04 -27.81 7.73
N GLU D 57 4.99 -28.47 6.58
CA GLU D 57 5.86 -28.09 5.48
C GLU D 57 5.47 -26.69 5.05
N PHE D 58 4.18 -26.50 4.85
CA PHE D 58 3.61 -25.22 4.42
C PHE D 58 4.08 -24.06 5.30
N GLU D 59 3.81 -24.17 6.59
CA GLU D 59 4.14 -23.11 7.55
C GLU D 59 5.64 -22.93 7.72
N ASN D 60 6.38 -24.03 7.77
CA ASN D 60 7.83 -23.96 7.93
C ASN D 60 8.50 -23.39 6.68
N LEU D 61 7.98 -23.78 5.51
CA LEU D 61 8.53 -23.33 4.24
C LEU D 61 8.38 -21.82 4.09
N ALA D 62 7.30 -21.28 4.67
CA ALA D 62 7.07 -19.84 4.68
C ALA D 62 8.15 -19.18 5.53
N ILE D 63 8.26 -19.65 6.77
CA ILE D 63 9.22 -19.10 7.73
C ILE D 63 10.63 -19.13 7.15
N ASP D 64 10.93 -20.18 6.39
CA ASP D 64 12.23 -20.35 5.78
C ASP D 64 12.54 -19.21 4.80
N ARG D 65 11.62 -18.96 3.87
CA ARG D 65 11.81 -17.93 2.85
C ARG D 65 11.77 -16.52 3.44
N VAL D 66 11.00 -16.34 4.51
CA VAL D 66 10.92 -15.03 5.17
C VAL D 66 12.30 -14.59 5.65
N LYS D 67 12.98 -15.47 6.38
CA LYS D 67 14.32 -15.20 6.86
C LYS D 67 15.23 -14.84 5.69
N LEU D 68 15.06 -15.55 4.58
CA LEU D 68 15.89 -15.32 3.41
C LEU D 68 15.73 -13.87 2.92
N LEU D 69 14.49 -13.44 2.77
CA LEU D 69 14.20 -12.10 2.27
C LEU D 69 14.72 -11.05 3.24
N LYS D 70 14.63 -11.35 4.53
CA LYS D 70 15.13 -10.44 5.57
C LYS D 70 16.66 -10.41 5.54
N SER D 71 17.26 -11.49 5.05
CA SER D 71 18.71 -11.55 4.93
C SER D 71 19.14 -10.68 3.75
N VAL D 72 18.37 -10.76 2.66
CA VAL D 72 18.63 -9.96 1.48
C VAL D 72 18.54 -8.47 1.81
N GLU D 73 17.57 -8.12 2.65
CA GLU D 73 17.36 -6.73 3.02
C GLU D 73 18.49 -6.20 3.89
N ASN D 74 19.06 -7.07 4.73
CA ASN D 74 20.18 -6.69 5.57
C ASN D 74 21.48 -6.54 4.77
N LEU D 75 21.70 -7.45 3.83
CA LEU D 75 22.88 -7.39 2.99
C LEU D 75 22.79 -6.20 2.03
N GLY D 76 21.58 -5.93 1.54
CA GLY D 76 21.35 -4.80 0.65
C GLY D 76 21.67 -3.48 1.33
N VAL D 77 21.48 -3.44 2.65
CA VAL D 77 21.83 -2.28 3.45
C VAL D 77 23.31 -2.33 3.80
N SER D 78 23.77 -3.49 4.24
CA SER D 78 25.17 -3.67 4.65
C SER D 78 26.11 -3.40 3.50
N TYR D 79 26.25 -4.37 2.60
CA TYR D 79 27.18 -4.27 1.48
C TYR D 79 26.46 -3.71 0.26
N VAL D 80 27.12 -3.83 -0.89
CA VAL D 80 26.53 -3.45 -2.16
C VAL D 80 26.50 -4.68 -3.05
N LYS D 81 25.43 -4.84 -3.82
CA LYS D 81 25.31 -5.98 -4.72
C LYS D 81 26.44 -5.99 -5.73
N GLY D 82 27.04 -7.17 -5.92
CA GLY D 82 28.16 -7.32 -6.83
C GLY D 82 29.42 -7.71 -6.08
N THR D 83 29.54 -7.24 -4.84
CA THR D 83 30.72 -7.55 -4.03
C THR D 83 30.77 -9.04 -3.75
N GLU D 84 31.98 -9.59 -3.64
CA GLU D 84 32.15 -11.02 -3.42
C GLU D 84 31.58 -11.45 -2.07
N GLN D 85 31.75 -10.60 -1.06
CA GLN D 85 31.19 -10.86 0.26
C GLN D 85 29.67 -11.03 0.15
N TYR D 86 29.03 -10.09 -0.54
CA TYR D 86 27.61 -10.18 -0.83
C TYR D 86 27.30 -11.43 -1.65
N GLN D 87 28.13 -11.69 -2.65
CA GLN D 87 28.03 -12.87 -3.48
C GLN D 87 28.29 -14.14 -2.67
N SER D 88 29.16 -14.02 -1.67
CA SER D 88 29.57 -15.15 -0.85
C SER D 88 28.59 -15.40 0.29
N LYS D 89 28.11 -14.31 0.89
CA LYS D 89 27.24 -14.40 2.06
C LYS D 89 25.84 -14.88 1.70
N LEU D 90 25.29 -14.34 0.62
CA LEU D 90 23.93 -14.70 0.22
C LEU D 90 23.95 -16.13 -0.32
N GLU D 91 25.05 -16.51 -0.94
CA GLU D 91 25.23 -17.88 -1.43
C GLU D 91 25.18 -18.86 -0.25
N SER D 92 25.72 -18.43 0.89
CA SER D 92 25.73 -19.26 2.09
C SER D 92 24.33 -19.43 2.69
N GLU D 93 23.64 -18.31 2.91
CA GLU D 93 22.29 -18.34 3.49
C GLU D 93 21.32 -19.12 2.62
N LEU D 94 21.54 -19.07 1.31
CA LEU D 94 20.72 -19.80 0.35
C LEU D 94 21.01 -21.29 0.45
N ARG D 95 22.28 -21.62 0.65
CA ARG D 95 22.70 -22.99 0.86
C ARG D 95 22.09 -23.47 2.17
N LYS D 96 22.08 -22.57 3.15
CA LYS D 96 21.57 -22.86 4.49
C LYS D 96 20.06 -23.09 4.47
N LEU D 97 19.34 -22.26 3.72
CA LEU D 97 17.89 -22.32 3.67
C LEU D 97 17.38 -23.25 2.56
N LYS D 98 18.31 -23.96 1.92
CA LYS D 98 17.96 -24.99 0.95
C LYS D 98 17.15 -24.44 -0.23
N PHE D 99 17.75 -23.52 -0.98
CA PHE D 99 17.08 -22.87 -2.12
C PHE D 99 17.99 -22.78 -3.33
N LEU D 105 20.82 -30.89 -11.85
CA LEU D 105 20.08 -32.15 -11.89
C LEU D 105 19.06 -32.22 -10.77
N GLU D 106 18.63 -33.43 -10.43
CA GLU D 106 17.71 -33.67 -9.32
C GLU D 106 18.30 -33.21 -8.00
N ASP D 107 19.61 -32.96 -7.98
CA ASP D 107 20.29 -32.48 -6.80
C ASP D 107 19.74 -31.12 -6.36
N GLU D 108 19.49 -30.24 -7.35
CA GLU D 108 18.95 -28.91 -7.08
C GLU D 108 17.45 -28.85 -7.37
N TYR D 109 16.79 -30.01 -7.31
CA TYR D 109 15.34 -30.09 -7.55
C TYR D 109 14.55 -29.85 -6.27
N GLU D 110 15.02 -30.42 -5.16
CA GLU D 110 14.31 -30.29 -3.89
C GLU D 110 14.18 -28.81 -3.48
N PRO D 111 15.25 -28.02 -3.66
CA PRO D 111 15.11 -26.57 -3.43
C PRO D 111 14.19 -25.90 -4.46
N ARG D 112 14.17 -26.41 -5.69
CA ARG D 112 13.33 -25.83 -6.75
C ARG D 112 11.86 -25.89 -6.37
N ARG D 113 11.44 -27.05 -5.87
CA ARG D 113 10.07 -27.22 -5.37
C ARG D 113 9.85 -26.34 -4.15
N ARG D 114 10.89 -26.19 -3.33
CA ARG D 114 10.80 -25.39 -2.11
C ARG D 114 10.69 -23.92 -2.49
N ASP D 115 11.50 -23.50 -3.46
CA ASP D 115 11.54 -22.09 -3.84
C ASP D 115 10.24 -21.71 -4.53
N HIS D 116 9.73 -22.62 -5.36
CA HIS D 116 8.53 -22.37 -6.14
C HIS D 116 7.32 -22.19 -5.22
N ILE D 117 7.13 -23.16 -4.34
CA ILE D 117 5.97 -23.20 -3.46
C ILE D 117 6.07 -22.12 -2.38
N SER D 118 7.26 -21.95 -1.83
CA SER D 118 7.47 -20.99 -0.75
C SER D 118 7.06 -19.59 -1.16
N HIS D 119 7.36 -19.25 -2.42
CA HIS D 119 7.07 -17.93 -2.96
C HIS D 119 5.56 -17.66 -3.02
N PHE D 120 4.82 -18.66 -3.50
CA PHE D 120 3.38 -18.51 -3.70
C PHE D 120 2.61 -18.44 -2.38
N ILE D 121 3.26 -18.89 -1.30
CA ILE D 121 2.66 -18.78 0.03
C ILE D 121 2.81 -17.35 0.51
N LEU D 122 4.02 -16.80 0.34
CA LEU D 122 4.33 -15.46 0.83
C LEU D 122 3.50 -14.43 0.08
N ARG D 123 3.06 -14.78 -1.13
CA ARG D 123 2.17 -13.92 -1.89
C ARG D 123 0.91 -13.61 -1.09
N LEU D 124 0.51 -14.57 -0.25
CA LEU D 124 -0.68 -14.42 0.57
C LEU D 124 -0.40 -13.47 1.74
N ALA D 125 0.85 -13.40 2.15
CA ALA D 125 1.24 -12.61 3.32
C ALA D 125 1.42 -11.14 2.95
N TYR D 126 2.23 -10.90 1.93
CA TYR D 126 2.68 -9.55 1.62
C TYR D 126 1.82 -8.82 0.57
N CYS D 127 0.64 -9.34 0.29
CA CYS D 127 -0.28 -8.69 -0.64
C CYS D 127 -1.23 -7.78 0.13
N GLN D 128 -1.15 -7.83 1.45
CA GLN D 128 -2.11 -7.14 2.30
C GLN D 128 -1.94 -5.62 2.29
N SER D 129 -0.73 -5.15 2.01
CA SER D 129 -0.47 -3.71 2.01
C SER D 129 0.64 -3.31 1.03
N GLU D 130 0.53 -2.09 0.51
CA GLU D 130 1.48 -1.54 -0.46
C GLU D 130 2.91 -1.61 0.08
N GLU D 131 3.05 -1.35 1.37
CA GLU D 131 4.35 -1.37 2.01
C GLU D 131 4.91 -2.78 1.97
N LEU D 132 4.04 -3.75 2.26
CA LEU D 132 4.42 -5.15 2.30
C LEU D 132 4.66 -5.67 0.89
N ARG D 133 3.81 -5.26 -0.04
CA ARG D 133 3.95 -5.61 -1.44
C ARG D 133 5.30 -5.08 -1.93
N ARG D 134 5.53 -3.79 -1.71
CA ARG D 134 6.77 -3.15 -2.14
C ARG D 134 7.96 -3.84 -1.49
N TRP D 135 7.81 -4.14 -0.21
CA TRP D 135 8.87 -4.78 0.55
C TRP D 135 9.17 -6.16 -0.03
N PHE D 136 8.11 -6.97 -0.15
CA PHE D 136 8.23 -8.32 -0.68
C PHE D 136 8.80 -8.30 -2.08
N ILE D 137 8.35 -7.34 -2.88
CA ILE D 137 8.81 -7.19 -4.25
C ILE D 137 10.28 -6.83 -4.27
N GLN D 138 10.64 -5.80 -3.51
CA GLN D 138 11.99 -5.25 -3.54
C GLN D 138 13.01 -6.32 -3.15
N GLN D 139 12.65 -7.15 -2.17
CA GLN D 139 13.54 -8.21 -1.73
C GLN D 139 13.61 -9.32 -2.78
N GLU D 140 12.47 -9.63 -3.37
CA GLU D 140 12.39 -10.65 -4.42
C GLU D 140 13.08 -10.13 -5.68
N MET D 141 13.05 -8.81 -5.84
CA MET D 141 13.73 -8.15 -6.95
C MET D 141 15.24 -8.37 -6.80
N ASP D 142 15.77 -7.91 -5.67
CA ASP D 142 17.18 -8.05 -5.35
C ASP D 142 17.60 -9.51 -5.40
N LEU D 143 16.66 -10.41 -5.14
CA LEU D 143 16.92 -11.85 -5.15
C LEU D 143 17.28 -12.35 -6.54
N LEU D 144 16.47 -11.99 -7.54
CA LEU D 144 16.66 -12.48 -8.90
C LEU D 144 17.99 -12.00 -9.46
N ARG D 145 18.35 -10.76 -9.13
CA ARG D 145 19.62 -10.19 -9.56
C ARG D 145 20.77 -11.13 -9.21
N PHE D 146 20.82 -11.51 -7.94
CA PHE D 146 21.86 -12.40 -7.45
C PHE D 146 21.75 -13.76 -8.13
N ARG D 147 20.55 -14.35 -8.09
CA ARG D 147 20.31 -15.65 -8.71
C ARG D 147 20.73 -15.62 -10.17
N PHE D 148 20.57 -14.45 -10.78
CA PHE D 148 20.91 -14.27 -12.19
C PHE D 148 22.39 -13.90 -12.32
N SER D 149 22.94 -13.28 -11.28
CA SER D 149 24.36 -12.91 -11.29
C SER D 149 25.23 -14.16 -11.34
N ILE D 150 24.72 -15.24 -10.75
CA ILE D 150 25.44 -16.50 -10.65
C ILE D 150 24.91 -17.48 -11.68
N LEU D 151 24.50 -16.95 -12.83
CA LEU D 151 23.90 -17.77 -13.88
C LEU D 151 24.83 -17.84 -15.08
N PRO D 152 24.91 -19.02 -15.73
CA PRO D 152 25.75 -19.11 -16.93
C PRO D 152 25.09 -18.46 -18.14
N LYS D 153 25.89 -17.87 -19.02
CA LYS D 153 25.37 -17.16 -20.18
C LYS D 153 24.55 -18.06 -21.10
N ASP D 154 24.87 -19.35 -21.09
CA ASP D 154 24.21 -20.30 -21.98
C ASP D 154 22.73 -20.46 -21.62
N LYS D 155 22.47 -20.67 -20.34
CA LYS D 155 21.11 -20.90 -19.83
C LYS D 155 20.23 -19.65 -19.89
N ILE D 156 20.85 -18.49 -19.74
CA ILE D 156 20.15 -17.21 -19.79
C ILE D 156 19.32 -17.10 -21.07
N GLN D 157 19.95 -17.40 -22.20
CA GLN D 157 19.30 -17.32 -23.51
C GLN D 157 18.07 -18.22 -23.56
N ASP D 158 18.19 -19.40 -22.96
CA ASP D 158 17.13 -20.41 -23.02
C ASP D 158 15.90 -20.02 -22.23
N PHE D 159 16.09 -19.42 -21.05
CA PHE D 159 14.97 -19.04 -20.19
C PHE D 159 14.20 -17.86 -20.78
N SER D 171 23.84 -13.06 -35.84
CA SER D 171 24.95 -13.81 -36.41
C SER D 171 26.28 -13.30 -35.87
N ASP D 172 27.36 -13.61 -36.58
CA ASP D 172 28.69 -13.10 -36.23
C ASP D 172 29.10 -11.97 -37.18
N GLU D 173 28.48 -11.96 -38.36
CA GLU D 173 28.78 -10.94 -39.37
C GLU D 173 27.90 -9.72 -39.12
N GLU D 174 26.64 -9.97 -38.81
CA GLU D 174 25.70 -8.90 -38.46
C GLU D 174 26.05 -8.33 -37.09
N LYS D 175 26.73 -9.13 -36.28
CA LYS D 175 27.20 -8.68 -34.96
C LYS D 175 28.21 -7.55 -35.11
N THR D 176 29.20 -7.75 -35.98
CA THR D 176 30.26 -6.77 -36.20
C THR D 176 29.84 -5.64 -37.15
N LEU D 177 28.77 -5.87 -37.90
CA LEU D 177 28.30 -4.89 -38.89
C LEU D 177 27.62 -3.67 -38.26
N ARG D 178 26.97 -3.89 -37.11
CA ARG D 178 26.22 -2.82 -36.46
C ARG D 178 26.92 -2.37 -35.19
N GLU D 179 28.22 -2.62 -35.12
CA GLU D 179 28.99 -2.37 -33.90
C GLU D 179 29.00 -0.88 -33.57
N GLN D 180 29.35 -0.05 -34.56
CA GLN D 180 29.54 1.39 -34.35
C GLN D 180 28.24 2.06 -33.96
N GLU D 181 27.17 1.67 -34.63
CA GLU D 181 25.88 2.34 -34.49
C GLU D 181 25.30 2.16 -33.09
N ILE D 182 25.79 1.14 -32.40
CA ILE D 182 25.30 0.79 -31.06
C ILE D 182 26.17 1.44 -29.98
N VAL D 183 27.48 1.51 -30.22
CA VAL D 183 28.40 2.10 -29.27
C VAL D 183 28.05 3.57 -29.07
N ALA D 184 27.73 4.24 -30.18
CA ALA D 184 27.38 5.65 -30.15
C ALA D 184 26.03 5.85 -29.47
N SER D 185 25.16 4.84 -29.57
CA SER D 185 23.82 4.91 -29.01
C SER D 185 23.84 4.85 -27.48
N SER D 186 24.39 3.75 -26.95
CA SER D 186 24.40 3.52 -25.50
C SER D 186 25.58 4.23 -24.85
N GLU D 197 30.23 -10.16 -26.31
CA GLU D 197 28.92 -9.87 -25.74
C GLU D 197 27.82 -10.33 -26.71
N SER D 198 26.59 -10.45 -26.19
CA SER D 198 25.44 -10.82 -27.01
C SER D 198 24.43 -9.68 -27.09
N ILE D 199 23.70 -9.62 -28.19
CA ILE D 199 22.65 -8.61 -28.38
C ILE D 199 21.42 -9.24 -29.02
N TYR D 200 20.25 -8.89 -28.47
CA TYR D 200 18.98 -9.48 -28.89
C TYR D 200 18.02 -8.46 -29.48
N LYS D 201 17.21 -8.92 -30.42
CA LYS D 201 16.29 -8.06 -31.17
C LYS D 201 14.90 -8.09 -30.55
N ILE D 202 14.51 -6.97 -29.93
CA ILE D 202 13.24 -6.87 -29.25
C ILE D 202 12.34 -5.86 -29.96
N PRO D 203 11.02 -6.11 -29.98
CA PRO D 203 10.12 -5.03 -30.40
C PRO D 203 10.30 -3.82 -29.49
N PHE D 204 10.48 -2.64 -30.07
CA PHE D 204 10.87 -1.45 -29.32
C PHE D 204 9.91 -1.18 -28.16
N ALA D 205 8.64 -1.50 -28.35
CA ALA D 205 7.60 -1.22 -27.37
C ALA D 205 7.91 -1.85 -26.02
N ASP D 206 8.59 -2.99 -26.06
CA ASP D 206 8.91 -3.76 -24.87
C ASP D 206 10.19 -3.23 -24.19
N ALA D 207 10.84 -2.27 -24.85
CA ALA D 207 12.09 -1.70 -24.35
C ALA D 207 11.91 -0.23 -23.98
N LEU D 208 10.70 0.12 -23.57
CA LEU D 208 10.29 1.50 -23.29
C LEU D 208 11.36 2.32 -22.59
N ASP D 209 11.76 1.88 -21.40
CA ASP D 209 12.64 2.65 -20.54
C ASP D 209 14.01 2.88 -21.19
N LEU D 210 14.36 2.05 -22.16
CA LEU D 210 15.66 2.14 -22.84
C LEU D 210 15.66 3.21 -23.95
N PHE D 211 14.78 3.06 -24.93
CA PHE D 211 14.81 3.93 -26.11
C PHE D 211 14.23 5.31 -25.78
N ARG D 212 13.44 5.40 -24.72
CA ARG D 212 12.87 6.69 -24.30
C ARG D 212 13.94 7.58 -23.67
N GLY D 213 15.14 7.03 -23.48
CA GLY D 213 16.27 7.78 -22.96
C GLY D 213 17.48 7.69 -23.88
N ARG D 214 17.27 7.13 -25.07
CA ARG D 214 18.33 6.96 -26.06
C ARG D 214 19.54 6.24 -25.48
N LYS D 215 19.29 5.03 -24.98
CA LYS D 215 20.33 4.20 -24.37
C LYS D 215 20.45 2.90 -25.16
N VAL D 216 19.93 2.91 -26.38
CA VAL D 216 19.94 1.72 -27.22
C VAL D 216 19.71 2.09 -28.69
N TYR D 217 20.12 1.19 -29.58
CA TYR D 217 19.94 1.38 -31.02
C TYR D 217 18.60 0.84 -31.51
N LEU D 218 17.92 1.60 -32.37
CA LEU D 218 16.68 1.17 -32.99
C LEU D 218 16.85 1.01 -34.51
N GLU D 219 16.09 0.08 -35.08
CA GLU D 219 16.07 -0.11 -36.53
C GLU D 219 14.86 -0.92 -36.97
N ASP D 220 14.00 -0.28 -37.76
CA ASP D 220 12.84 -0.95 -38.35
C ASP D 220 11.88 -1.51 -37.29
N GLY D 221 11.75 -0.79 -36.18
CA GLY D 221 10.78 -1.13 -35.15
C GLY D 221 11.29 -2.04 -34.05
N PHE D 222 12.57 -2.41 -34.12
CA PHE D 222 13.16 -3.32 -33.14
C PHE D 222 14.40 -2.73 -32.46
N ALA D 223 14.48 -2.92 -31.15
CA ALA D 223 15.63 -2.45 -30.37
C ALA D 223 16.73 -3.51 -30.35
N TYR D 224 17.96 -3.06 -30.20
CA TYR D 224 19.12 -3.95 -30.13
C TYR D 224 19.87 -3.72 -28.82
N VAL D 225 19.60 -4.58 -27.84
CA VAL D 225 20.01 -4.35 -26.46
C VAL D 225 21.15 -5.29 -26.02
N PRO D 226 22.07 -4.80 -25.17
CA PRO D 226 23.09 -5.68 -24.60
C PRO D 226 22.56 -6.56 -23.46
N LEU D 227 23.41 -7.46 -22.96
CA LEU D 227 23.03 -8.33 -21.84
C LEU D 227 23.09 -7.59 -20.50
N LYS D 228 23.82 -6.48 -20.46
CA LYS D 228 23.93 -5.69 -19.24
C LYS D 228 22.61 -4.97 -18.93
N ASP D 229 22.00 -4.43 -19.97
CA ASP D 229 20.81 -3.59 -19.82
C ASP D 229 19.52 -4.40 -19.85
N ILE D 230 19.58 -5.58 -20.47
CA ILE D 230 18.43 -6.46 -20.59
C ILE D 230 17.99 -7.01 -19.23
N VAL D 231 18.84 -6.82 -18.22
CA VAL D 231 18.52 -7.25 -16.86
C VAL D 231 17.30 -6.50 -16.33
N ALA D 232 17.36 -5.17 -16.37
CA ALA D 232 16.31 -4.34 -15.79
C ALA D 232 14.99 -4.54 -16.53
N ILE D 233 15.07 -5.02 -17.77
CA ILE D 233 13.89 -5.31 -18.58
C ILE D 233 13.12 -6.44 -17.92
N ILE D 234 13.72 -7.62 -17.93
CA ILE D 234 13.13 -8.81 -17.33
C ILE D 234 12.80 -8.57 -15.87
N LEU D 235 13.64 -7.79 -15.20
CA LEU D 235 13.44 -7.45 -13.80
C LEU D 235 12.17 -6.64 -13.59
N ASN D 236 11.88 -5.74 -14.54
CA ASN D 236 10.73 -4.86 -14.42
C ASN D 236 9.41 -5.45 -14.93
N GLU D 237 9.46 -6.20 -16.02
CA GLU D 237 8.27 -6.86 -16.53
C GLU D 237 7.83 -7.88 -15.49
N PHE D 238 8.81 -8.46 -14.81
CA PHE D 238 8.55 -9.37 -13.70
C PHE D 238 7.91 -8.61 -12.55
N ARG D 239 8.46 -7.45 -12.24
CA ARG D 239 7.93 -6.57 -11.19
C ARG D 239 6.45 -6.26 -11.43
N ALA D 240 6.08 -6.18 -12.71
CA ALA D 240 4.70 -5.88 -13.09
C ALA D 240 3.80 -7.09 -12.87
N LYS D 241 4.23 -8.23 -13.40
CA LYS D 241 3.44 -9.46 -13.31
C LYS D 241 3.26 -9.89 -11.86
N LEU D 242 4.25 -9.57 -11.04
CA LEU D 242 4.22 -9.94 -9.63
C LEU D 242 3.28 -9.03 -8.86
N SER D 243 3.49 -7.73 -9.03
CA SER D 243 2.63 -6.72 -8.40
C SER D 243 1.20 -6.89 -8.89
N LYS D 244 1.07 -7.47 -10.08
CA LYS D 244 -0.22 -7.78 -10.67
C LYS D 244 -0.81 -8.99 -9.96
N ALA D 245 0.02 -9.99 -9.74
CA ALA D 245 -0.40 -11.23 -9.10
C ALA D 245 -0.75 -10.94 -7.65
N LEU D 246 0.04 -10.07 -7.03
CA LEU D 246 -0.20 -9.65 -5.64
C LEU D 246 -1.56 -8.98 -5.55
N ALA D 247 -1.82 -8.10 -6.51
CA ALA D 247 -3.06 -7.36 -6.57
C ALA D 247 -4.22 -8.33 -6.68
N LEU D 248 -4.02 -9.40 -7.44
CA LEU D 248 -5.02 -10.44 -7.64
C LEU D 248 -5.18 -11.20 -6.33
N THR D 249 -4.04 -11.55 -5.74
CA THR D 249 -4.02 -12.31 -4.50
C THR D 249 -4.75 -11.52 -3.41
N ALA D 250 -4.67 -10.18 -3.50
CA ALA D 250 -5.31 -9.31 -2.52
C ALA D 250 -6.84 -9.38 -2.64
N ARG D 251 -7.32 -9.96 -3.73
CA ARG D 251 -8.75 -10.12 -4.00
C ARG D 251 -9.19 -11.49 -3.53
N SER D 252 -8.26 -12.44 -3.65
CA SER D 252 -8.50 -13.85 -3.40
C SER D 252 -8.53 -14.14 -1.90
N LEU D 253 -7.81 -13.31 -1.14
CA LEU D 253 -7.53 -13.55 0.27
C LEU D 253 -8.73 -13.51 1.23
N PRO D 254 -9.59 -12.50 1.12
CA PRO D 254 -10.63 -12.35 2.15
C PRO D 254 -11.73 -13.46 2.16
N ALA D 255 -11.44 -14.60 1.56
CA ALA D 255 -12.32 -15.78 1.66
C ALA D 255 -11.64 -16.85 2.51
N VAL D 256 -10.31 -16.84 2.49
CA VAL D 256 -9.49 -17.79 3.23
C VAL D 256 -8.87 -17.14 4.47
N GLN D 257 -8.92 -15.81 4.49
CA GLN D 257 -8.32 -14.99 5.55
C GLN D 257 -8.66 -15.46 6.96
N SER D 258 -9.91 -15.83 7.15
CA SER D 258 -10.41 -16.18 8.47
C SER D 258 -9.88 -17.53 8.96
N ASP D 259 -9.24 -18.28 8.07
CA ASP D 259 -8.83 -19.64 8.42
C ASP D 259 -7.70 -19.63 9.46
N GLU D 260 -7.91 -20.35 10.56
CA GLU D 260 -6.97 -20.37 11.68
C GLU D 260 -5.60 -20.87 11.21
N ARG D 261 -5.62 -21.84 10.30
CA ARG D 261 -4.39 -22.47 9.85
C ARG D 261 -3.53 -21.44 9.12
N LEU D 262 -4.17 -20.36 8.67
CA LEU D 262 -3.48 -19.28 7.97
C LEU D 262 -3.18 -18.10 8.88
N GLN D 263 -3.71 -18.14 10.10
CA GLN D 263 -3.53 -17.07 11.07
C GLN D 263 -2.05 -16.72 11.29
N PRO D 264 -1.20 -17.73 11.59
CA PRO D 264 0.21 -17.39 11.87
C PRO D 264 0.93 -16.81 10.66
N LEU D 265 0.48 -17.17 9.45
CA LEU D 265 1.10 -16.66 8.24
C LEU D 265 0.70 -15.21 7.94
N LEU D 266 -0.55 -14.86 8.27
CA LEU D 266 -1.07 -13.53 7.97
C LEU D 266 -0.71 -12.51 9.04
N ASN D 267 -0.27 -12.99 10.20
CA ASN D 267 0.10 -12.11 11.30
C ASN D 267 1.62 -11.92 11.36
N HIS D 268 2.35 -13.02 11.55
CA HIS D 268 3.81 -12.97 11.61
C HIS D 268 4.38 -12.73 10.21
N LEU D 269 3.98 -11.62 9.59
CA LEU D 269 4.39 -11.28 8.24
C LEU D 269 5.87 -10.94 8.18
ZN ZN E . 13.08 -13.94 44.74
ZN ZN F . 8.87 33.65 -41.20
#